data_3OJS
#
_entry.id   3OJS
#
_cell.length_a   107.829
_cell.length_b   107.829
_cell.length_c   90.197
_cell.angle_alpha   90.00
_cell.angle_beta   90.00
_cell.angle_gamma   120.00
#
_symmetry.space_group_name_H-M   'P 31 2 1'
#
loop_
_entity.id
_entity.type
_entity.pdbx_description
1 polymer 'DNA polymerase I, thermostable'
2 polymer "DNA (5'-D(*GP*AP*CP*CP*AP*CP*GP*GP*CP*GP*CP*(DOC))-3')"
3 polymer "DNA (5'-D(*AP*AP*AP*AP*GP*GP*CP*GP*CP*CP*GP*TP*GP*GP*TP*C)-3')"
4 non-polymer "2'-deoxy-5-[9-(3-{[4-(diethylamino)-4-oxobutanoyl]amino}propyl)-18-ethyl-5,8,14,17-tetraoxo-4,9,13,18-tetraazaicos-1-yn-1-yl]uridine 5'-(tetrahydrogen triphosphate)"
5 non-polymer GLYCEROL
6 non-polymer 'MAGNESIUM ION'
7 non-polymer 'TRIETHYLENE GLYCOL'
8 non-polymer 'ACETATE ION'
9 water water
#
loop_
_entity_poly.entity_id
_entity_poly.type
_entity_poly.pdbx_seq_one_letter_code
_entity_poly.pdbx_strand_id
1 'polypeptide(L)'
;ALEEAPWPPPEGAFVGFVLSRKEPMWADLLALAAARGGRVHRAPEPYKALRDLKEARGLLAKDLSVLALREGLGLPPGDD
PMLLAYLLDPSNTTPEGVARRYGGEWTEEAGERAALSERLFANLWGRLEGEERLLWLYREVERPLSAVLAHMEATGVRLD
VAYLRALSLEVAEEIARLEAEVFRLAGHPFNLNSRDQLERVLFDELGLPAIGKTEKTGKRSTSAAVLEALREAHPIVEKI
LQYRELTKLKSTYIDPLPDLIHPRTGRLHTRFNQTATATGRLSSSDPNLQNIPVRTPLGQRIRRAFIAEEGWLLVALDYS
QIELRVLAHLSGDENLIRVFQEGRDIHTETASWMFGVPREAVDPLMRRAAKTINFGVLYGMSAHRLSQELAIPYEEAQAF
IERYFQSFPKVRAWIEKTLEEGRRRGYVETLFGRRRYVPDLEARVKSVREAAERMAFNMPVQGTAADLMKLAMVKLFPRL
EEMGARMLLQVHDELVLEAPKERAEAVARLAKEVMEGVYPLAVPLEVEVGIGEDWLSAKE
;
A
2 'polydeoxyribonucleotide' (DG)(DA)(DC)(DC)(DA)(DC)(DG)(DG)(DC)(DG)(DC)(DOC) B
3 'polydeoxyribonucleotide' (DA)(DA)(DA)(DA)(DG)(DG)(DC)(DG)(DC)(DC)(DG)(DT)(DG)(DG)(DT)(DC) C
#
loop_
_chem_comp.id
_chem_comp.type
_chem_comp.name
_chem_comp.formula
ACT non-polymer 'ACETATE ION' 'C2 H3 O2 -1'
DA DNA linking 2'-DEOXYADENOSINE-5'-MONOPHOSPHATE 'C10 H14 N5 O6 P'
DC DNA linking 2'-DEOXYCYTIDINE-5'-MONOPHOSPHATE 'C9 H14 N3 O7 P'
DG DNA linking 2'-DEOXYGUANOSINE-5'-MONOPHOSPHATE 'C10 H14 N5 O7 P'
DOC DNA linking 2',3'-DIDEOXYCYTIDINE-5'-MONOPHOSPHATE 'C9 H14 N3 O6 P'
DT DNA linking THYMIDINE-5'-MONOPHOSPHATE 'C10 H15 N2 O8 P'
GOL non-polymer GLYCEROL 'C3 H8 O3'
MG non-polymer 'MAGNESIUM ION' 'Mg 2'
PGE non-polymer 'TRIETHYLENE GLYCOL' 'C6 H14 O4'
XJS non-polymer '2'-deoxy-5-[9-(3-{[4-(diethylamino)-4-oxobutanoyl]amino}propyl)-18-ethyl-5,8,14,17-tetraoxo-4,9,13,18-tetraazaicos-1-yn-1-yl]uridine 5'-(tetrahydrogen triphosphate)' 'C38 H63 N8 O20 P3'
#
# COMPACT_ATOMS: atom_id res chain seq x y z
N LEU A 2 5.80 -38.14 11.18
CA LEU A 2 6.36 -37.63 12.43
C LEU A 2 5.77 -38.33 13.65
N GLU A 3 6.59 -38.46 14.68
CA GLU A 3 6.19 -39.13 15.91
C GLU A 3 5.25 -38.22 16.69
N GLU A 4 4.06 -38.72 16.99
CA GLU A 4 3.07 -37.98 17.76
C GLU A 4 3.55 -37.82 19.19
N ALA A 5 3.59 -36.58 19.68
CA ALA A 5 4.04 -36.31 21.04
C ALA A 5 3.11 -35.32 21.70
N PRO A 6 2.82 -35.53 23.00
CA PRO A 6 1.87 -34.68 23.73
C PRO A 6 2.29 -33.20 23.76
N TRP A 7 1.31 -32.31 23.82
CA TRP A 7 1.58 -30.90 24.04
C TRP A 7 2.15 -30.73 25.45
N PRO A 8 3.01 -29.72 25.67
CA PRO A 8 3.48 -28.71 24.72
C PRO A 8 4.79 -29.10 24.05
N PRO A 9 5.15 -28.38 22.97
CA PRO A 9 6.41 -28.65 22.25
C PRO A 9 7.59 -28.00 22.95
N PRO A 10 8.81 -28.45 22.64
CA PRO A 10 9.99 -27.77 23.16
C PRO A 10 10.11 -26.38 22.53
N GLU A 11 10.95 -25.52 23.07
CA GLU A 11 11.09 -24.17 22.52
C GLU A 11 11.79 -24.24 21.17
N GLY A 12 11.43 -23.32 20.27
CA GLY A 12 12.03 -23.28 18.95
C GLY A 12 11.25 -24.11 17.94
N ALA A 13 10.23 -24.83 18.43
CA ALA A 13 9.36 -25.61 17.56
C ALA A 13 8.66 -24.70 16.56
N PHE A 14 8.33 -25.24 15.39
CA PHE A 14 7.57 -24.50 14.39
C PHE A 14 6.07 -24.73 14.62
N VAL A 15 5.27 -23.69 14.49
CA VAL A 15 3.85 -23.84 14.75
C VAL A 15 3.08 -23.96 13.44
N GLY A 16 1.96 -24.68 13.51
CA GLY A 16 0.96 -24.68 12.47
C GLY A 16 -0.35 -24.35 13.16
N PHE A 17 -1.27 -23.71 12.46
CA PHE A 17 -2.52 -23.31 13.09
C PHE A 17 -3.56 -23.09 12.01
N VAL A 18 -4.82 -23.30 12.35
CA VAL A 18 -5.91 -23.15 11.40
C VAL A 18 -6.92 -22.17 11.95
N LEU A 19 -7.21 -21.13 11.19
CA LEU A 19 -8.20 -20.11 11.57
C LEU A 19 -9.50 -20.36 10.85
N SER A 20 -10.61 -19.93 11.45
CA SER A 20 -11.93 -20.13 10.83
C SER A 20 -12.12 -19.15 9.68
N ARG A 21 -11.37 -18.06 9.67
CA ARG A 21 -11.40 -17.10 8.58
C ARG A 21 -10.05 -16.42 8.52
N LYS A 22 -9.73 -15.82 7.37
CA LYS A 22 -8.37 -15.33 7.13
C LYS A 22 -7.93 -14.18 8.06
N GLU A 23 -8.88 -13.38 8.53
CA GLU A 23 -8.55 -12.19 9.34
C GLU A 23 -8.27 -12.55 10.81
N PRO A 24 -7.02 -12.39 11.27
CA PRO A 24 -6.70 -12.87 12.63
C PRO A 24 -7.42 -12.13 13.77
N MET A 25 -7.85 -10.90 13.56
CA MET A 25 -8.62 -10.20 14.60
C MET A 25 -10.05 -10.75 14.72
N TRP A 26 -10.50 -11.46 13.68
CA TRP A 26 -11.89 -11.95 13.64
C TRP A 26 -12.01 -13.46 13.72
N ALA A 27 -10.89 -14.14 13.61
CA ALA A 27 -10.89 -15.60 13.50
C ALA A 27 -11.04 -16.34 14.81
N ASP A 28 -11.69 -17.48 14.73
CA ASP A 28 -11.64 -18.51 15.77
C ASP A 28 -10.40 -19.36 15.46
N LEU A 29 -9.57 -19.59 16.45
CA LEU A 29 -8.43 -20.49 16.32
C LEU A 29 -8.94 -21.92 16.46
N LEU A 30 -9.10 -22.60 15.34
CA LEU A 30 -9.70 -23.93 15.31
C LEU A 30 -8.74 -25.00 15.81
N ALA A 31 -7.46 -24.87 15.46
CA ALA A 31 -6.47 -25.85 15.88
C ALA A 31 -5.08 -25.24 15.91
N LEU A 32 -4.19 -25.93 16.60
CA LEU A 32 -2.84 -25.43 16.84
C LEU A 32 -1.93 -26.62 17.05
N ALA A 33 -0.76 -26.57 16.42
CA ALA A 33 0.21 -27.65 16.55
C ALA A 33 1.63 -27.09 16.43
N ALA A 34 2.61 -27.92 16.76
CA ALA A 34 4.00 -27.53 16.59
C ALA A 34 4.85 -28.72 16.19
N ALA A 35 6.00 -28.45 15.58
CA ALA A 35 6.82 -29.49 14.98
C ALA A 35 8.29 -29.21 15.23
N ARG A 36 9.04 -30.22 15.62
CA ARG A 36 10.45 -30.06 15.86
C ARG A 36 11.10 -31.41 16.12
N GLY A 37 12.31 -31.59 15.60
CA GLY A 37 13.12 -32.75 15.95
C GLY A 37 12.43 -34.07 15.68
N GLY A 38 11.66 -34.13 14.60
CA GLY A 38 11.01 -35.36 14.18
C GLY A 38 9.75 -35.67 14.97
N ARG A 39 9.25 -34.67 15.70
CA ARG A 39 8.03 -34.85 16.45
C ARG A 39 6.99 -33.85 15.98
N VAL A 40 5.73 -34.16 16.26
CA VAL A 40 4.62 -33.24 16.07
C VAL A 40 3.74 -33.29 17.30
N HIS A 41 3.47 -32.13 17.89
CA HIS A 41 2.63 -32.03 19.08
C HIS A 41 1.33 -31.30 18.72
N ARG A 42 0.19 -31.86 19.11
CA ARG A 42 -1.08 -31.25 18.80
C ARG A 42 -1.77 -30.78 20.07
N ALA A 43 -2.13 -29.50 20.09
CA ALA A 43 -2.76 -28.92 21.26
C ALA A 43 -4.18 -29.47 21.42
N PRO A 44 -4.48 -30.02 22.60
CA PRO A 44 -5.83 -30.48 22.91
C PRO A 44 -6.86 -29.36 22.78
N GLU A 45 -6.53 -28.20 23.38
CA GLU A 45 -7.37 -27.02 23.24
C GLU A 45 -6.48 -25.85 22.82
N PRO A 46 -6.67 -25.34 21.59
CA PRO A 46 -5.72 -24.38 21.01
C PRO A 46 -5.59 -23.04 21.77
N TYR A 47 -6.68 -22.42 22.18
CA TYR A 47 -6.57 -21.14 22.88
C TYR A 47 -5.68 -21.26 24.11
N LYS A 48 -5.90 -22.28 24.91
CA LYS A 48 -5.12 -22.47 26.12
C LYS A 48 -3.66 -22.74 25.77
N ALA A 49 -3.46 -23.52 24.71
CA ALA A 49 -2.13 -23.93 24.30
C ALA A 49 -1.28 -22.74 23.83
N LEU A 50 -1.93 -21.68 23.35
CA LEU A 50 -1.23 -20.47 22.93
C LEU A 50 -0.30 -19.96 24.02
N ARG A 51 -0.75 -20.08 25.27
CA ARG A 51 -0.02 -19.58 26.43
C ARG A 51 1.32 -20.27 26.64
N ASP A 52 1.47 -21.47 26.06
CA ASP A 52 2.68 -22.27 26.26
C ASP A 52 3.81 -21.87 25.31
N LEU A 53 3.47 -21.15 24.25
CA LEU A 53 4.47 -20.74 23.25
C LEU A 53 5.18 -19.44 23.63
N LYS A 54 6.48 -19.39 23.33
CA LYS A 54 7.28 -18.20 23.60
C LYS A 54 7.33 -17.31 22.37
N GLU A 55 7.07 -17.90 21.21
CA GLU A 55 7.26 -17.25 19.94
C GLU A 55 6.45 -17.99 18.87
N ALA A 56 5.90 -17.25 17.92
CA ALA A 56 5.23 -17.87 16.77
C ALA A 56 6.24 -17.99 15.65
N ARG A 57 6.71 -19.20 15.41
CA ARG A 57 7.69 -19.47 14.39
C ARG A 57 7.09 -20.40 13.32
N GLY A 58 6.94 -19.93 12.10
CA GLY A 58 6.36 -20.74 11.04
C GLY A 58 5.59 -19.91 10.03
N LEU A 59 4.86 -20.59 9.14
CA LEU A 59 4.15 -19.92 8.05
C LEU A 59 3.12 -18.98 8.66
N LEU A 60 3.02 -17.77 8.11
CA LEU A 60 2.08 -16.75 8.60
C LEU A 60 2.20 -16.48 10.11
N ALA A 61 3.43 -16.48 10.62
CA ALA A 61 3.68 -16.23 12.03
C ALA A 61 2.98 -14.96 12.52
N LYS A 62 2.99 -13.90 11.71
CA LYS A 62 2.37 -12.63 12.13
C LYS A 62 0.87 -12.79 12.44
N ASP A 63 0.15 -13.55 11.63
CA ASP A 63 -1.30 -13.70 11.86
C ASP A 63 -1.59 -14.40 13.20
N LEU A 64 -0.82 -15.43 13.53
CA LEU A 64 -1.05 -16.08 14.80
C LEU A 64 -0.71 -15.13 15.94
N SER A 65 0.35 -14.34 15.74
CA SER A 65 0.79 -13.38 16.73
C SER A 65 -0.28 -12.30 16.97
N VAL A 66 -0.90 -11.82 15.90
CA VAL A 66 -2.00 -10.86 16.02
C VAL A 66 -3.14 -11.49 16.82
N LEU A 67 -3.44 -12.76 16.55
CA LEU A 67 -4.52 -13.41 17.27
C LEU A 67 -4.16 -13.50 18.76
N ALA A 68 -2.88 -13.76 19.05
CA ALA A 68 -2.44 -13.90 20.43
C ALA A 68 -2.53 -12.57 21.17
N LEU A 69 -2.11 -11.49 20.52
CA LEU A 69 -2.19 -10.15 21.11
C LEU A 69 -3.64 -9.80 21.42
N ARG A 70 -4.54 -10.21 20.53
CA ARG A 70 -5.95 -9.96 20.71
C ARG A 70 -6.44 -10.63 22.00
N GLU A 71 -5.83 -11.76 22.33
CA GLU A 71 -6.21 -12.52 23.52
C GLU A 71 -5.41 -12.14 24.76
N GLY A 72 -4.63 -11.06 24.66
CA GLY A 72 -3.90 -10.54 25.81
C GLY A 72 -2.57 -11.22 26.04
N LEU A 73 -2.09 -11.95 25.04
CA LEU A 73 -0.84 -12.69 25.14
C LEU A 73 0.27 -12.03 24.29
N GLY A 74 1.40 -11.75 24.91
CA GLY A 74 2.54 -11.18 24.20
C GLY A 74 3.36 -12.23 23.51
N LEU A 75 2.86 -12.70 22.37
CA LEU A 75 3.51 -13.75 21.61
C LEU A 75 4.06 -13.17 20.28
N PRO A 76 5.36 -12.88 20.24
CA PRO A 76 5.88 -12.22 19.03
C PRO A 76 6.15 -13.19 17.89
N PRO A 77 5.99 -12.75 16.63
CA PRO A 77 6.34 -13.61 15.49
C PRO A 77 7.84 -13.67 15.30
N GLY A 78 8.33 -14.83 14.86
CA GLY A 78 9.74 -15.03 14.60
C GLY A 78 9.91 -15.43 13.15
N ASP A 79 10.76 -16.42 12.91
CA ASP A 79 11.00 -16.85 11.54
C ASP A 79 9.69 -17.20 10.86
N ASP A 80 9.59 -16.88 9.57
CA ASP A 80 8.44 -17.23 8.76
C ASP A 80 8.93 -17.57 7.36
N PRO A 81 8.76 -18.83 6.93
CA PRO A 81 9.25 -19.16 5.57
C PRO A 81 8.66 -18.26 4.48
N MET A 82 7.45 -17.75 4.66
CA MET A 82 6.88 -16.81 3.68
C MET A 82 7.82 -15.61 3.41
N LEU A 83 8.43 -15.08 4.46
CA LEU A 83 9.32 -13.93 4.30
C LEU A 83 10.61 -14.33 3.56
N LEU A 84 11.10 -15.54 3.80
CA LEU A 84 12.27 -16.02 3.07
C LEU A 84 11.93 -16.15 1.58
N ALA A 85 10.81 -16.79 1.28
CA ALA A 85 10.44 -17.02 -0.11
C ALA A 85 10.18 -15.69 -0.83
N TYR A 86 9.56 -14.76 -0.12
CA TYR A 86 9.20 -13.47 -0.72
C TYR A 86 10.43 -12.68 -1.11
N LEU A 87 11.47 -12.78 -0.28
CA LEU A 87 12.74 -12.12 -0.56
C LEU A 87 13.45 -12.79 -1.74
N LEU A 88 13.36 -14.10 -1.83
CA LEU A 88 13.94 -14.83 -2.97
C LEU A 88 13.26 -14.44 -4.28
N ASP A 89 11.95 -14.23 -4.24
CA ASP A 89 11.16 -13.92 -5.42
C ASP A 89 9.83 -13.38 -4.94
N PRO A 90 9.55 -12.10 -5.20
CA PRO A 90 8.34 -11.53 -4.59
C PRO A 90 7.04 -12.00 -5.25
N SER A 91 7.11 -12.80 -6.30
CA SER A 91 5.88 -13.42 -6.78
C SER A 91 5.48 -14.58 -5.84
N ASN A 92 6.33 -14.87 -4.86
CA ASN A 92 5.98 -15.82 -3.80
C ASN A 92 5.10 -15.10 -2.77
N THR A 93 3.78 -15.12 -2.96
CA THR A 93 2.87 -14.30 -2.16
C THR A 93 1.90 -15.14 -1.31
N THR A 94 1.77 -16.43 -1.61
CA THR A 94 0.82 -17.29 -0.90
C THR A 94 1.47 -18.56 -0.33
N PRO A 95 0.94 -19.08 0.78
CA PRO A 95 1.46 -20.32 1.34
C PRO A 95 1.15 -21.51 0.42
N GLU A 96 0.02 -21.46 -0.29
CA GLU A 96 -0.28 -22.47 -1.30
C GLU A 96 0.86 -22.60 -2.31
N GLY A 97 1.29 -21.46 -2.85
CA GLY A 97 2.30 -21.43 -3.89
C GLY A 97 3.67 -21.74 -3.33
N VAL A 98 4.00 -21.11 -2.20
CA VAL A 98 5.31 -21.31 -1.60
C VAL A 98 5.48 -22.78 -1.24
N ALA A 99 4.44 -23.40 -0.69
CA ALA A 99 4.51 -24.81 -0.33
C ALA A 99 4.80 -25.63 -1.59
N ARG A 100 4.01 -25.41 -2.63
CA ARG A 100 4.15 -26.22 -3.85
C ARG A 100 5.56 -26.06 -4.41
N ARG A 101 6.10 -24.85 -4.30
CA ARG A 101 7.36 -24.51 -4.95
C ARG A 101 8.57 -25.02 -4.16
N TYR A 102 8.47 -25.07 -2.84
CA TYR A 102 9.65 -25.36 -2.01
C TYR A 102 9.55 -26.59 -1.11
N GLY A 103 8.50 -27.40 -1.24
CA GLY A 103 8.58 -28.76 -0.71
C GLY A 103 7.44 -29.33 0.11
N GLY A 104 6.20 -28.98 -0.24
CA GLY A 104 5.08 -29.58 0.44
C GLY A 104 3.76 -29.10 -0.09
N GLU A 105 2.73 -29.19 0.74
CA GLU A 105 1.41 -28.78 0.32
C GLU A 105 0.71 -28.09 1.49
N TRP A 106 0.09 -26.94 1.21
CA TRP A 106 -0.66 -26.22 2.23
C TRP A 106 -2.04 -26.84 2.39
N THR A 107 -2.25 -27.52 3.50
CA THR A 107 -3.48 -28.25 3.79
C THR A 107 -4.30 -27.50 4.82
N GLU A 108 -5.29 -28.16 5.41
CA GLU A 108 -6.16 -27.49 6.38
C GLU A 108 -6.03 -28.13 7.75
N GLU A 109 -4.84 -28.63 8.06
CA GLU A 109 -4.60 -29.34 9.30
C GLU A 109 -3.36 -28.77 9.99
N ALA A 110 -3.53 -28.34 11.24
CA ALA A 110 -2.48 -27.63 11.97
C ALA A 110 -1.18 -28.42 12.07
N GLY A 111 -1.27 -29.69 12.43
CA GLY A 111 -0.10 -30.53 12.54
C GLY A 111 0.68 -30.60 11.23
N GLU A 112 -0.05 -30.70 10.13
CA GLU A 112 0.57 -30.76 8.81
C GLU A 112 1.20 -29.42 8.46
N ARG A 113 0.53 -28.33 8.85
CA ARG A 113 1.04 -26.99 8.60
C ARG A 113 2.30 -26.72 9.42
N ALA A 114 2.38 -27.33 10.60
CA ALA A 114 3.56 -27.20 11.45
C ALA A 114 4.75 -27.92 10.82
N ALA A 115 4.51 -29.16 10.39
CA ALA A 115 5.54 -29.96 9.74
C ALA A 115 6.01 -29.25 8.48
N LEU A 116 5.05 -28.70 7.73
CA LEU A 116 5.36 -27.96 6.51
C LEU A 116 6.22 -26.74 6.82
N SER A 117 5.85 -25.98 7.84
CA SER A 117 6.64 -24.81 8.20
C SER A 117 8.09 -25.22 8.48
N GLU A 118 8.29 -26.33 9.17
CA GLU A 118 9.63 -26.75 9.56
C GLU A 118 10.45 -27.11 8.33
N ARG A 119 9.85 -27.90 7.46
CA ARG A 119 10.52 -28.38 6.26
C ARG A 119 10.85 -27.22 5.32
N LEU A 120 9.86 -26.36 5.09
CA LEU A 120 10.02 -25.21 4.20
C LEU A 120 11.07 -24.26 4.73
N PHE A 121 11.11 -24.07 6.05
CA PHE A 121 12.12 -23.16 6.62
C PHE A 121 13.51 -23.67 6.32
N ALA A 122 13.72 -24.96 6.58
CA ALA A 122 15.02 -25.60 6.31
C ALA A 122 15.43 -25.37 4.85
N ASN A 123 14.51 -25.63 3.92
CA ASN A 123 14.83 -25.54 2.50
C ASN A 123 15.08 -24.10 2.06
N LEU A 124 14.16 -23.20 2.40
CA LEU A 124 14.29 -21.81 2.00
C LEU A 124 15.53 -21.16 2.62
N TRP A 125 15.84 -21.52 3.86
CA TRP A 125 17.04 -21.01 4.53
C TRP A 125 18.27 -21.47 3.72
N GLY A 126 18.26 -22.72 3.29
CA GLY A 126 19.32 -23.21 2.42
C GLY A 126 19.48 -22.36 1.18
N ARG A 127 18.36 -22.01 0.54
CA ARG A 127 18.42 -21.27 -0.70
C ARG A 127 18.98 -19.86 -0.51
N LEU A 128 18.83 -19.32 0.69
CA LEU A 128 19.31 -17.98 0.98
C LEU A 128 20.78 -17.92 1.37
N GLU A 129 21.43 -19.08 1.47
CA GLU A 129 22.85 -19.09 1.81
C GLU A 129 23.67 -18.49 0.68
N GLY A 130 24.56 -17.57 1.04
CA GLY A 130 25.38 -16.87 0.07
C GLY A 130 24.70 -15.60 -0.41
N GLU A 131 23.40 -15.52 -0.23
CA GLU A 131 22.65 -14.34 -0.61
C GLU A 131 22.69 -13.34 0.54
N GLU A 132 23.86 -12.77 0.79
CA GLU A 132 24.07 -11.93 1.97
C GLU A 132 23.15 -10.72 2.05
N ARG A 133 22.86 -10.09 0.92
CA ARG A 133 22.02 -8.91 0.96
C ARG A 133 20.58 -9.28 1.33
N LEU A 134 20.07 -10.35 0.74
CA LEU A 134 18.74 -10.85 1.07
C LEU A 134 18.68 -11.27 2.55
N LEU A 135 19.75 -11.91 3.04
CA LEU A 135 19.84 -12.29 4.46
C LEU A 135 19.74 -11.07 5.35
N TRP A 136 20.40 -9.99 4.95
CA TRP A 136 20.38 -8.76 5.75
C TRP A 136 18.96 -8.18 5.76
N LEU A 137 18.27 -8.27 4.64
CA LEU A 137 16.90 -7.79 4.55
C LEU A 137 16.02 -8.63 5.46
N TYR A 138 16.24 -9.94 5.49
CA TYR A 138 15.44 -10.80 6.34
C TYR A 138 15.64 -10.46 7.82
N ARG A 139 16.90 -10.46 8.26
CA ARG A 139 17.23 -10.25 9.66
C ARG A 139 17.05 -8.82 10.15
N GLU A 140 17.40 -7.84 9.32
CA GLU A 140 17.38 -6.45 9.77
C GLU A 140 16.08 -5.73 9.41
N VAL A 141 15.31 -6.27 8.47
CA VAL A 141 14.08 -5.60 8.04
C VAL A 141 12.82 -6.44 8.23
N GLU A 142 12.61 -7.43 7.35
CA GLU A 142 11.34 -8.14 7.29
C GLU A 142 11.01 -8.86 8.60
N ARG A 143 11.95 -9.62 9.15
CA ARG A 143 11.63 -10.38 10.36
C ARG A 143 11.23 -9.49 11.53
N PRO A 144 12.04 -8.48 11.85
CA PRO A 144 11.59 -7.63 12.96
C PRO A 144 10.33 -6.84 12.59
N LEU A 145 10.16 -6.54 11.31
CA LEU A 145 9.02 -5.74 10.87
C LEU A 145 7.74 -6.53 11.12
N SER A 146 7.79 -7.86 10.98
CA SER A 146 6.58 -8.66 11.22
C SER A 146 6.06 -8.44 12.65
N ALA A 147 6.96 -8.26 13.61
CA ALA A 147 6.55 -8.02 15.01
C ALA A 147 5.84 -6.68 15.14
N VAL A 148 6.38 -5.67 14.46
CA VAL A 148 5.81 -4.34 14.47
C VAL A 148 4.42 -4.39 13.85
N LEU A 149 4.32 -5.04 12.68
CA LEU A 149 3.05 -5.14 11.98
C LEU A 149 2.03 -5.83 12.86
N ALA A 150 2.46 -6.85 13.60
CA ALA A 150 1.53 -7.58 14.45
C ALA A 150 0.90 -6.64 15.47
N HIS A 151 1.73 -5.78 16.06
CA HIS A 151 1.22 -4.82 17.04
C HIS A 151 0.30 -3.79 16.40
N MET A 152 0.69 -3.29 15.23
CA MET A 152 -0.16 -2.30 14.56
C MET A 152 -1.54 -2.90 14.30
N GLU A 153 -1.58 -4.12 13.79
CA GLU A 153 -2.85 -4.77 13.48
C GLU A 153 -3.73 -4.96 14.71
N ALA A 154 -3.13 -5.37 15.83
CA ALA A 154 -3.92 -5.66 17.02
C ALA A 154 -4.35 -4.38 17.73
N THR A 155 -3.65 -3.28 17.48
CA THR A 155 -3.99 -2.02 18.13
C THR A 155 -5.23 -1.39 17.49
N GLY A 156 -5.26 -1.32 16.16
CA GLY A 156 -6.40 -0.74 15.47
C GLY A 156 -6.44 0.78 15.54
N VAL A 157 -7.44 1.37 14.88
CA VAL A 157 -7.59 2.81 14.83
C VAL A 157 -9.02 3.17 15.21
N ARG A 158 -9.19 4.27 15.94
CA ARG A 158 -10.53 4.71 16.35
C ARG A 158 -11.25 5.39 15.20
N LEU A 159 -12.56 5.14 15.10
CA LEU A 159 -13.38 5.66 14.02
C LEU A 159 -14.63 6.31 14.60
N ASP A 160 -15.00 7.47 14.09
CA ASP A 160 -16.24 8.12 14.51
C ASP A 160 -17.41 7.50 13.75
N VAL A 161 -17.96 6.43 14.32
CA VAL A 161 -19.02 5.68 13.68
C VAL A 161 -20.31 6.49 13.50
N ALA A 162 -20.73 7.19 14.54
CA ALA A 162 -21.98 7.96 14.49
C ALA A 162 -21.91 9.00 13.38
N TYR A 163 -20.73 9.56 13.18
CA TYR A 163 -20.51 10.59 12.17
C TYR A 163 -20.70 9.98 10.79
N LEU A 164 -20.14 8.80 10.57
CA LEU A 164 -20.28 8.15 9.25
C LEU A 164 -21.72 7.71 9.00
N ARG A 165 -22.40 7.21 10.02
CA ARG A 165 -23.80 6.81 9.88
C ARG A 165 -24.61 8.02 9.42
N ALA A 166 -24.42 9.16 10.08
CA ALA A 166 -25.18 10.35 9.74
C ALA A 166 -24.84 10.79 8.30
N LEU A 167 -23.57 10.72 7.96
CA LEU A 167 -23.12 11.13 6.63
C LEU A 167 -23.80 10.29 5.55
N SER A 168 -23.93 8.98 5.81
CA SER A 168 -24.56 8.08 4.84
C SER A 168 -25.95 8.58 4.42
N LEU A 169 -26.77 8.95 5.39
CA LEU A 169 -28.14 9.38 5.09
C LEU A 169 -28.14 10.61 4.22
N GLU A 170 -27.20 11.52 4.48
CA GLU A 170 -27.13 12.75 3.70
C GLU A 170 -26.65 12.46 2.27
N VAL A 171 -25.61 11.64 2.13
CA VAL A 171 -25.11 11.32 0.79
C VAL A 171 -26.15 10.55 -0.03
N ALA A 172 -26.94 9.70 0.62
CA ALA A 172 -28.01 8.96 -0.05
C ALA A 172 -28.95 9.93 -0.78
N GLU A 173 -29.36 11.01 -0.12
CA GLU A 173 -30.31 11.93 -0.73
C GLU A 173 -29.68 12.64 -1.92
N GLU A 174 -28.41 13.02 -1.80
CA GLU A 174 -27.70 13.67 -2.89
CA GLU A 174 -27.70 13.68 -2.88
C GLU A 174 -27.54 12.73 -4.07
N ILE A 175 -27.23 11.46 -3.79
CA ILE A 175 -27.07 10.47 -4.85
C ILE A 175 -28.38 10.36 -5.66
N ALA A 176 -29.50 10.36 -4.95
CA ALA A 176 -30.81 10.24 -5.59
C ALA A 176 -31.09 11.45 -6.48
N ARG A 177 -30.69 12.63 -6.03
CA ARG A 177 -30.84 13.82 -6.85
C ARG A 177 -30.11 13.62 -8.20
N LEU A 178 -28.92 13.04 -8.15
CA LEU A 178 -28.08 12.87 -9.34
C LEU A 178 -28.62 11.77 -10.24
N GLU A 179 -29.07 10.68 -9.65
CA GLU A 179 -29.45 9.54 -10.48
C GLU A 179 -30.76 9.88 -11.18
N ALA A 180 -31.64 10.59 -10.48
CA ALA A 180 -32.93 10.98 -11.02
C ALA A 180 -32.73 11.88 -12.24
N GLU A 181 -31.77 12.80 -12.14
CA GLU A 181 -31.49 13.71 -13.22
C GLU A 181 -30.87 12.94 -14.39
N VAL A 182 -29.97 12.00 -14.08
CA VAL A 182 -29.38 11.19 -15.14
C VAL A 182 -30.49 10.46 -15.90
N PHE A 183 -31.44 9.90 -15.17
CA PHE A 183 -32.52 9.16 -15.82
C PHE A 183 -33.42 10.11 -16.64
N ARG A 184 -33.67 11.30 -16.12
CA ARG A 184 -34.44 12.28 -16.88
C ARG A 184 -33.76 12.53 -18.21
N LEU A 185 -32.45 12.73 -18.16
CA LEU A 185 -31.68 13.07 -19.36
C LEU A 185 -31.59 11.90 -20.33
N ALA A 186 -31.58 10.68 -19.81
CA ALA A 186 -31.54 9.51 -20.68
C ALA A 186 -32.92 9.26 -21.29
N GLY A 187 -33.95 9.76 -20.61
CA GLY A 187 -35.32 9.57 -21.06
C GLY A 187 -35.97 8.35 -20.45
N HIS A 188 -35.25 7.67 -19.57
CA HIS A 188 -35.76 6.46 -18.93
C HIS A 188 -34.74 5.99 -17.89
N PRO A 189 -35.22 5.27 -16.86
CA PRO A 189 -34.33 4.68 -15.86
C PRO A 189 -33.62 3.42 -16.35
N PHE A 190 -32.47 3.16 -15.78
CA PHE A 190 -31.70 1.95 -16.03
C PHE A 190 -30.78 1.77 -14.82
N ASN A 191 -30.03 0.68 -14.73
CA ASN A 191 -29.08 0.52 -13.62
C ASN A 191 -27.86 1.40 -13.86
N LEU A 192 -27.83 2.56 -13.21
CA LEU A 192 -26.72 3.50 -13.42
C LEU A 192 -25.40 2.90 -12.92
N ASN A 193 -25.49 1.89 -12.05
CA ASN A 193 -24.29 1.20 -11.56
C ASN A 193 -23.70 0.25 -12.59
N SER A 194 -24.45 -0.03 -13.66
CA SER A 194 -23.98 -0.97 -14.68
C SER A 194 -23.30 -0.23 -15.82
N ARG A 195 -21.99 -0.38 -15.96
CA ARG A 195 -21.28 0.32 -17.01
C ARG A 195 -21.68 -0.23 -18.38
N ASP A 196 -22.22 -1.46 -18.43
CA ASP A 196 -22.68 -2.03 -19.69
C ASP A 196 -23.97 -1.32 -20.13
N GLN A 197 -24.87 -1.09 -19.18
CA GLN A 197 -26.13 -0.43 -19.49
C GLN A 197 -25.88 1.04 -19.80
N LEU A 198 -24.96 1.65 -19.08
CA LEU A 198 -24.57 3.03 -19.34
C LEU A 198 -23.91 3.17 -20.72
N GLU A 199 -23.12 2.17 -21.11
CA GLU A 199 -22.44 2.22 -22.39
C GLU A 199 -23.46 2.38 -23.50
N ARG A 200 -24.52 1.58 -23.42
CA ARG A 200 -25.53 1.58 -24.48
C ARG A 200 -26.30 2.89 -24.48
N VAL A 201 -26.54 3.45 -23.31
CA VAL A 201 -27.25 4.71 -23.22
C VAL A 201 -26.42 5.85 -23.80
N LEU A 202 -25.14 5.93 -23.46
CA LEU A 202 -24.31 7.04 -23.89
C LEU A 202 -24.02 6.98 -25.38
N PHE A 203 -23.70 5.78 -25.85
CA PHE A 203 -23.09 5.64 -27.17
C PHE A 203 -24.07 5.19 -28.25
N ASP A 204 -25.06 4.41 -27.86
CA ASP A 204 -26.10 3.95 -28.79
C ASP A 204 -27.32 4.86 -28.79
N GLU A 205 -27.85 5.17 -27.61
CA GLU A 205 -29.11 5.90 -27.52
C GLU A 205 -28.90 7.40 -27.70
N LEU A 206 -28.17 8.02 -26.77
CA LEU A 206 -27.66 9.36 -27.00
C LEU A 206 -26.65 9.14 -28.12
N GLY A 207 -26.13 10.20 -28.71
CA GLY A 207 -25.29 10.00 -29.88
C GLY A 207 -23.81 10.23 -29.63
N LEU A 208 -23.35 10.01 -28.41
CA LEU A 208 -22.01 10.44 -28.03
C LEU A 208 -20.97 9.60 -28.73
N PRO A 209 -19.85 10.21 -29.09
CA PRO A 209 -18.72 9.48 -29.68
C PRO A 209 -18.03 8.64 -28.62
N ALA A 210 -17.76 7.38 -28.92
CA ALA A 210 -16.91 6.58 -28.06
C ALA A 210 -15.50 7.12 -28.18
N ILE A 211 -14.76 7.13 -27.09
CA ILE A 211 -13.40 7.64 -27.09
C ILE A 211 -12.39 6.50 -27.04
N GLY A 212 -12.59 5.56 -26.12
CA GLY A 212 -11.67 4.45 -25.95
C GLY A 212 -12.36 3.14 -25.68
N LYS A 213 -11.59 2.05 -25.66
CA LYS A 213 -12.15 0.73 -25.45
C LYS A 213 -11.56 0.11 -24.19
N THR A 214 -12.25 -0.85 -23.62
CA THR A 214 -11.78 -1.50 -22.39
C THR A 214 -10.76 -2.57 -22.74
N GLU A 215 -9.95 -2.96 -21.76
CA GLU A 215 -8.75 -3.74 -22.04
C GLU A 215 -9.04 -5.19 -22.46
N LYS A 216 -9.83 -5.89 -21.66
CA LYS A 216 -10.01 -7.34 -21.84
C LYS A 216 -11.07 -7.68 -22.87
N THR A 217 -12.16 -6.93 -22.90
CA THR A 217 -13.32 -7.30 -23.72
C THR A 217 -13.67 -6.24 -24.76
N GLY A 218 -12.84 -5.22 -24.89
CA GLY A 218 -13.00 -4.23 -25.95
C GLY A 218 -14.36 -3.58 -26.04
N LYS A 219 -15.03 -3.39 -24.89
CA LYS A 219 -16.26 -2.61 -24.87
C LYS A 219 -15.93 -1.11 -24.97
N ARG A 220 -16.91 -0.30 -25.32
CA ARG A 220 -16.70 1.14 -25.36
C ARG A 220 -16.63 1.62 -23.92
N SER A 221 -15.49 2.18 -23.54
CA SER A 221 -15.25 2.56 -22.15
C SER A 221 -16.11 3.74 -21.69
N THR A 222 -16.49 3.70 -20.41
CA THR A 222 -17.19 4.79 -19.76
C THR A 222 -16.39 5.30 -18.57
N SER A 223 -15.07 5.12 -18.60
CA SER A 223 -14.20 5.55 -17.51
C SER A 223 -14.24 7.06 -17.31
N ALA A 224 -13.76 7.53 -16.16
CA ALA A 224 -13.82 8.95 -15.83
C ALA A 224 -13.05 9.77 -16.87
N ALA A 225 -11.97 9.20 -17.40
CA ALA A 225 -11.17 9.90 -18.40
C ALA A 225 -11.98 10.13 -19.67
N VAL A 226 -12.71 9.10 -20.10
CA VAL A 226 -13.62 9.20 -21.23
C VAL A 226 -14.74 10.23 -21.00
N LEU A 227 -15.37 10.16 -19.84
CA LEU A 227 -16.45 11.07 -19.48
C LEU A 227 -15.92 12.51 -19.43
N GLU A 228 -14.71 12.67 -18.92
CA GLU A 228 -14.08 13.97 -18.81
C GLU A 228 -13.98 14.63 -20.18
N ALA A 229 -13.58 13.84 -21.17
CA ALA A 229 -13.41 14.35 -22.52
C ALA A 229 -14.75 14.70 -23.15
N LEU A 230 -15.81 14.07 -22.62
CA LEU A 230 -17.16 14.25 -23.11
C LEU A 230 -17.99 15.21 -22.25
N ARG A 231 -17.34 15.84 -21.28
CA ARG A 231 -18.05 16.62 -20.26
C ARG A 231 -18.89 17.76 -20.84
N GLU A 232 -18.61 18.16 -22.08
CA GLU A 232 -19.31 19.29 -22.69
C GLU A 232 -20.13 18.87 -23.91
N ALA A 233 -20.23 17.57 -24.16
CA ALA A 233 -20.99 17.06 -25.29
C ALA A 233 -22.45 16.80 -24.92
N HIS A 234 -22.72 16.72 -23.61
CA HIS A 234 -24.06 16.39 -23.15
C HIS A 234 -24.10 16.56 -21.63
N PRO A 235 -25.16 17.20 -21.11
CA PRO A 235 -25.21 17.52 -19.68
C PRO A 235 -25.27 16.29 -18.78
N ILE A 236 -25.62 15.14 -19.35
CA ILE A 236 -25.73 13.92 -18.57
C ILE A 236 -24.34 13.48 -18.05
N VAL A 237 -23.29 13.86 -18.77
CA VAL A 237 -21.95 13.37 -18.44
C VAL A 237 -21.46 13.88 -17.08
N GLU A 238 -21.64 15.16 -16.82
CA GLU A 238 -21.24 15.75 -15.54
C GLU A 238 -22.02 15.09 -14.41
N LYS A 239 -23.31 14.86 -14.64
CA LYS A 239 -24.14 14.26 -13.62
C LYS A 239 -23.63 12.87 -13.27
N ILE A 240 -23.23 12.11 -14.30
CA ILE A 240 -22.70 10.76 -14.13
C ILE A 240 -21.41 10.77 -13.31
N LEU A 241 -20.53 11.72 -13.60
CA LEU A 241 -19.26 11.84 -12.87
C LEU A 241 -19.50 12.17 -11.40
N GLN A 242 -20.48 13.00 -11.13
CA GLN A 242 -20.81 13.31 -9.73
C GLN A 242 -21.40 12.08 -9.07
N TYR A 243 -22.25 11.36 -9.79
CA TYR A 243 -22.87 10.14 -9.26
C TYR A 243 -21.81 9.13 -8.86
N ARG A 244 -20.86 8.90 -9.76
CA ARG A 244 -19.76 7.98 -9.53
C ARG A 244 -18.96 8.38 -8.29
N GLU A 245 -18.63 9.66 -8.18
CA GLU A 245 -17.84 10.09 -7.04
C GLU A 245 -18.55 9.67 -5.75
N LEU A 246 -19.83 10.03 -5.64
CA LEU A 246 -20.56 9.83 -4.40
C LEU A 246 -20.78 8.36 -4.10
N THR A 247 -21.16 7.57 -5.12
CA THR A 247 -21.48 6.16 -4.88
C THR A 247 -20.21 5.39 -4.60
N LYS A 248 -19.10 5.82 -5.19
CA LYS A 248 -17.83 5.15 -4.92
C LYS A 248 -17.49 5.29 -3.43
N LEU A 249 -17.59 6.51 -2.91
CA LEU A 249 -17.23 6.79 -1.54
C LEU A 249 -18.20 6.15 -0.56
N LYS A 250 -19.50 6.15 -0.90
CA LYS A 250 -20.51 5.61 -0.01
C LYS A 250 -20.39 4.09 0.07
N SER A 251 -20.26 3.43 -1.08
CA SER A 251 -20.25 1.97 -1.07
C SER A 251 -18.92 1.40 -0.56
N THR A 252 -17.84 2.18 -0.65
CA THR A 252 -16.51 1.65 -0.31
C THR A 252 -16.11 2.01 1.12
N TYR A 253 -16.55 3.17 1.62
CA TYR A 253 -16.08 3.62 2.92
C TYR A 253 -17.22 3.94 3.88
N ILE A 254 -18.11 4.85 3.49
CA ILE A 254 -19.09 5.34 4.43
C ILE A 254 -19.93 4.21 5.02
N ASP A 255 -20.36 3.28 4.18
CA ASP A 255 -21.29 2.23 4.62
C ASP A 255 -20.60 1.03 5.27
N PRO A 256 -19.55 0.47 4.64
CA PRO A 256 -18.88 -0.72 5.18
C PRO A 256 -18.12 -0.50 6.50
N LEU A 257 -17.43 0.64 6.62
CA LEU A 257 -16.48 0.80 7.73
C LEU A 257 -17.11 0.72 9.11
N PRO A 258 -18.25 1.40 9.28
CA PRO A 258 -18.90 1.36 10.59
C PRO A 258 -19.22 -0.06 11.05
N ASP A 259 -19.52 -0.95 10.11
CA ASP A 259 -19.89 -2.33 10.47
C ASP A 259 -18.69 -3.20 10.83
N LEU A 260 -17.48 -2.66 10.70
CA LEU A 260 -16.26 -3.43 10.93
C LEU A 260 -15.61 -3.13 12.28
N ILE A 261 -16.30 -2.43 13.17
CA ILE A 261 -15.73 -2.11 14.47
C ILE A 261 -15.66 -3.37 15.32
N HIS A 262 -14.51 -3.64 15.90
CA HIS A 262 -14.32 -4.84 16.68
C HIS A 262 -14.98 -4.67 18.05
N PRO A 263 -15.77 -5.67 18.48
CA PRO A 263 -16.53 -5.60 19.74
C PRO A 263 -15.64 -5.50 20.99
N ARG A 264 -14.51 -6.18 20.98
CA ARG A 264 -13.56 -6.13 22.10
C ARG A 264 -12.83 -4.80 22.23
N THR A 265 -12.25 -4.32 21.13
CA THR A 265 -11.40 -3.14 21.17
C THR A 265 -12.15 -1.84 20.88
N GLY A 266 -13.27 -1.95 20.19
CA GLY A 266 -14.00 -0.77 19.75
C GLY A 266 -13.29 0.01 18.67
N ARG A 267 -12.33 -0.62 18.00
CA ARG A 267 -11.55 0.03 16.95
C ARG A 267 -11.62 -0.76 15.64
N LEU A 268 -11.03 -0.19 14.59
CA LEU A 268 -11.04 -0.74 13.25
C LEU A 268 -9.67 -1.35 13.00
N HIS A 269 -9.59 -2.60 12.57
CA HIS A 269 -8.31 -3.29 12.47
C HIS A 269 -8.09 -3.79 11.06
N THR A 270 -7.04 -3.28 10.42
CA THR A 270 -6.69 -3.70 9.08
C THR A 270 -5.68 -4.83 9.19
N ARG A 271 -5.32 -5.38 8.04
CA ARG A 271 -4.21 -6.31 7.93
C ARG A 271 -3.12 -5.67 7.09
N PHE A 272 -1.88 -5.71 7.55
CA PHE A 272 -0.76 -5.25 6.73
C PHE A 272 -0.06 -6.45 6.11
N ASN A 273 -0.39 -6.71 4.85
CA ASN A 273 0.16 -7.86 4.13
C ASN A 273 1.62 -7.65 3.75
N GLN A 274 2.48 -8.56 4.21
CA GLN A 274 3.93 -8.38 4.08
C GLN A 274 4.52 -9.10 2.87
N THR A 275 3.77 -10.00 2.24
CA THR A 275 4.29 -10.69 1.06
C THR A 275 3.31 -10.62 -0.11
N ALA A 276 2.94 -9.39 -0.49
CA ALA A 276 1.83 -9.18 -1.42
C ALA A 276 2.15 -8.34 -2.67
N THR A 277 3.29 -7.66 -2.69
CA THR A 277 3.62 -6.79 -3.84
C THR A 277 4.95 -7.16 -4.52
N ALA A 278 5.04 -6.78 -5.80
CA ALA A 278 6.21 -7.05 -6.63
C ALA A 278 7.40 -6.17 -6.29
N THR A 279 7.17 -5.09 -5.56
CA THR A 279 8.24 -4.11 -5.33
C THR A 279 8.74 -4.06 -3.90
N GLY A 280 8.07 -4.74 -2.98
CA GLY A 280 8.47 -4.68 -1.58
C GLY A 280 7.63 -3.74 -0.71
N ARG A 281 6.65 -3.09 -1.32
CA ARG A 281 5.70 -2.30 -0.55
C ARG A 281 4.87 -3.25 0.28
N LEU A 282 4.33 -2.74 1.39
CA LEU A 282 3.25 -3.42 2.07
C LEU A 282 1.95 -3.23 1.28
N SER A 283 0.95 -4.04 1.57
CA SER A 283 -0.43 -3.72 1.18
C SER A 283 -1.29 -3.83 2.42
N SER A 284 -2.54 -3.37 2.30
CA SER A 284 -3.45 -3.36 3.45
C SER A 284 -4.81 -3.86 2.98
N SER A 285 -5.45 -4.70 3.78
CA SER A 285 -6.75 -5.25 3.40
C SER A 285 -7.63 -5.61 4.58
N ASP A 286 -8.93 -5.73 4.28
CA ASP A 286 -9.89 -6.32 5.21
C ASP A 286 -10.07 -5.54 6.51
N PRO A 287 -10.22 -4.20 6.43
CA PRO A 287 -10.37 -3.37 5.23
C PRO A 287 -9.05 -2.74 4.80
N ASN A 288 -8.99 -2.25 3.57
CA ASN A 288 -7.85 -1.49 3.08
C ASN A 288 -7.89 -0.09 3.71
N LEU A 289 -6.89 0.22 4.51
CA LEU A 289 -6.80 1.54 5.12
C LEU A 289 -5.69 2.36 4.49
N GLN A 290 -5.11 1.86 3.42
CA GLN A 290 -4.13 2.64 2.67
C GLN A 290 -4.76 3.38 1.48
N ASN A 291 -6.08 3.33 1.37
CA ASN A 291 -6.75 4.12 0.31
C ASN A 291 -7.96 4.89 0.83
N ILE A 292 -7.87 5.35 2.07
CA ILE A 292 -8.92 6.22 2.59
C ILE A 292 -8.91 7.52 1.79
N PRO A 293 -10.09 8.02 1.41
CA PRO A 293 -10.18 9.21 0.56
C PRO A 293 -9.51 10.42 1.18
N VAL A 294 -9.05 11.34 0.35
CA VAL A 294 -8.37 12.54 0.81
C VAL A 294 -8.49 13.74 -0.16
N ARG A 295 -8.88 13.49 -1.40
CA ARG A 295 -8.84 14.53 -2.45
C ARG A 295 -10.07 15.43 -2.44
N THR A 296 -11.25 14.84 -2.63
CA THR A 296 -12.45 15.65 -2.82
C THR A 296 -13.06 16.08 -1.49
N PRO A 297 -14.02 16.99 -1.54
CA PRO A 297 -14.68 17.44 -0.31
C PRO A 297 -15.32 16.31 0.47
N LEU A 298 -16.05 15.42 -0.20
CA LEU A 298 -16.66 14.30 0.52
C LEU A 298 -15.59 13.33 1.03
N GLY A 299 -14.53 13.15 0.23
CA GLY A 299 -13.44 12.30 0.65
C GLY A 299 -12.78 12.81 1.93
N GLN A 300 -12.60 14.13 2.01
CA GLN A 300 -11.96 14.69 3.19
C GLN A 300 -12.88 14.49 4.40
N ARG A 301 -14.19 14.60 4.19
CA ARG A 301 -15.14 14.37 5.27
C ARG A 301 -15.00 12.95 5.82
N ILE A 302 -14.72 12.00 4.94
CA ILE A 302 -14.56 10.63 5.37
C ILE A 302 -13.25 10.46 6.14
N ARG A 303 -12.16 11.05 5.64
CA ARG A 303 -10.90 10.92 6.34
C ARG A 303 -10.98 11.50 7.75
N ARG A 304 -11.81 12.53 7.93
CA ARG A 304 -12.01 13.13 9.26
C ARG A 304 -12.60 12.17 10.29
N ALA A 305 -13.16 11.06 9.82
CA ALA A 305 -13.75 10.07 10.72
C ALA A 305 -12.68 9.25 11.45
N PHE A 306 -11.46 9.25 10.91
CA PHE A 306 -10.35 8.58 11.58
C PHE A 306 -9.77 9.49 12.66
N ILE A 307 -9.98 9.12 13.92
CA ILE A 307 -9.68 10.01 15.03
C ILE A 307 -8.81 9.36 16.12
N ALA A 308 -8.29 10.21 17.01
CA ALA A 308 -7.47 9.75 18.13
C ALA A 308 -8.33 9.35 19.33
N GLU A 309 -7.83 8.44 20.17
CA GLU A 309 -8.48 8.12 21.44
C GLU A 309 -8.60 9.41 22.22
N GLU A 310 -9.64 9.53 23.04
CA GLU A 310 -9.76 10.68 23.94
C GLU A 310 -8.52 10.76 24.81
N GLY A 311 -7.98 11.96 24.97
CA GLY A 311 -6.74 12.13 25.71
C GLY A 311 -5.49 11.92 24.86
N TRP A 312 -5.65 11.47 23.62
CA TRP A 312 -4.52 11.26 22.71
C TRP A 312 -4.64 12.17 21.49
N LEU A 313 -3.60 12.18 20.66
CA LEU A 313 -3.59 12.90 19.40
C LEU A 313 -2.98 12.00 18.33
N LEU A 314 -3.41 12.17 17.10
CA LEU A 314 -2.75 11.50 15.99
C LEU A 314 -1.55 12.33 15.54
N VAL A 315 -0.52 11.66 15.08
CA VAL A 315 0.68 12.30 14.56
C VAL A 315 0.90 11.68 13.19
N ALA A 316 0.87 12.49 12.13
CA ALA A 316 1.05 11.99 10.78
C ALA A 316 2.38 12.47 10.22
N LEU A 317 3.20 11.54 9.73
CA LEU A 317 4.51 11.86 9.18
C LEU A 317 4.62 11.32 7.75
N ASP A 318 5.08 12.14 6.81
CA ASP A 318 5.05 11.80 5.38
C ASP A 318 6.37 12.24 4.73
N TYR A 319 7.08 11.30 4.10
CA TYR A 319 8.35 11.61 3.46
C TYR A 319 8.12 12.58 2.30
N SER A 320 8.89 13.65 2.23
CA SER A 320 8.77 14.64 1.15
C SER A 320 9.34 14.11 -0.17
N GLN A 321 8.53 14.15 -1.24
CA GLN A 321 8.98 13.77 -2.60
C GLN A 321 9.87 12.53 -2.59
N ILE A 322 9.45 11.49 -1.88
CA ILE A 322 10.37 10.41 -1.52
C ILE A 322 11.00 9.72 -2.74
N GLU A 323 10.21 9.41 -3.77
CA GLU A 323 10.77 8.64 -4.89
C GLU A 323 11.67 9.50 -5.80
N LEU A 324 11.48 10.81 -5.80
CA LEU A 324 12.40 11.68 -6.52
C LEU A 324 13.74 11.68 -5.82
N ARG A 325 13.74 11.71 -4.49
CA ARG A 325 14.99 11.67 -3.73
C ARG A 325 15.70 10.34 -3.90
N VAL A 326 14.94 9.25 -3.88
CA VAL A 326 15.51 7.93 -4.10
C VAL A 326 16.15 7.90 -5.49
N LEU A 327 15.49 8.52 -6.45
CA LEU A 327 15.97 8.52 -7.83
C LEU A 327 17.29 9.27 -7.90
N ALA A 328 17.38 10.39 -7.18
CA ALA A 328 18.59 11.17 -7.15
C ALA A 328 19.76 10.29 -6.70
N HIS A 329 19.53 9.47 -5.69
CA HIS A 329 20.58 8.65 -5.11
C HIS A 329 20.96 7.49 -6.03
N LEU A 330 19.96 6.79 -6.56
CA LEU A 330 20.19 5.60 -7.38
C LEU A 330 20.91 5.98 -8.67
N SER A 331 20.49 7.08 -9.26
CA SER A 331 20.99 7.49 -10.56
C SER A 331 22.31 8.24 -10.41
N GLY A 332 22.42 9.00 -9.32
CA GLY A 332 23.61 9.81 -9.06
C GLY A 332 23.63 11.08 -9.89
N ASP A 333 22.46 11.59 -10.24
CA ASP A 333 22.36 12.77 -11.08
C ASP A 333 22.62 14.06 -10.32
N GLU A 334 23.73 14.72 -10.67
CA GLU A 334 24.16 15.95 -10.01
C GLU A 334 23.07 17.01 -9.92
N ASN A 335 22.39 17.27 -11.03
CA ASN A 335 21.33 18.27 -11.09
C ASN A 335 20.20 17.98 -10.10
N LEU A 336 19.82 16.71 -10.02
CA LEU A 336 18.70 16.31 -9.19
C LEU A 336 19.11 16.35 -7.73
N ILE A 337 20.31 15.88 -7.44
CA ILE A 337 20.88 15.95 -6.11
C ILE A 337 20.93 17.41 -5.67
N ARG A 338 21.30 18.30 -6.59
CA ARG A 338 21.49 19.69 -6.26
C ARG A 338 20.15 20.32 -5.91
N VAL A 339 19.10 19.90 -6.62
CA VAL A 339 17.74 20.37 -6.37
C VAL A 339 17.37 20.16 -4.91
N PHE A 340 17.65 18.98 -4.38
CA PHE A 340 17.28 18.68 -3.00
C PHE A 340 18.24 19.29 -1.98
N GLN A 341 19.51 19.47 -2.35
CA GLN A 341 20.44 20.12 -1.43
C GLN A 341 20.05 21.58 -1.25
N GLU A 342 19.32 22.12 -2.24
CA GLU A 342 18.88 23.50 -2.22
C GLU A 342 17.50 23.67 -1.60
N GLY A 343 16.84 22.56 -1.32
CA GLY A 343 15.54 22.59 -0.67
C GLY A 343 14.39 22.94 -1.60
N ARG A 344 14.53 22.62 -2.88
CA ARG A 344 13.49 22.90 -3.88
C ARG A 344 12.37 21.85 -3.83
N ASP A 345 11.19 22.22 -4.34
CA ASP A 345 10.05 21.32 -4.41
C ASP A 345 9.59 21.18 -5.85
N ILE A 346 9.93 20.05 -6.45
CA ILE A 346 9.61 19.76 -7.85
C ILE A 346 8.11 19.64 -8.12
N HIS A 347 7.35 19.21 -7.13
CA HIS A 347 5.91 19.13 -7.28
C HIS A 347 5.26 20.51 -7.30
N THR A 348 5.74 21.42 -6.46
CA THR A 348 5.22 22.78 -6.44
C THR A 348 5.56 23.47 -7.74
N GLU A 349 6.79 23.26 -8.19
CA GLU A 349 7.29 23.84 -9.42
C GLU A 349 6.45 23.42 -10.63
N THR A 350 6.17 22.12 -10.75
CA THR A 350 5.35 21.63 -11.84
C THR A 350 3.92 22.15 -11.72
N ALA A 351 3.44 22.26 -10.48
CA ALA A 351 2.09 22.75 -10.21
C ALA A 351 2.01 24.22 -10.58
N SER A 352 3.15 24.88 -10.52
CA SER A 352 3.27 26.30 -10.82
C SER A 352 3.09 26.49 -12.32
N TRP A 353 3.71 25.60 -13.08
CA TRP A 353 3.64 25.63 -14.53
C TRP A 353 2.26 25.20 -15.03
N MET A 354 1.66 24.23 -14.35
CA MET A 354 0.39 23.64 -14.78
C MET A 354 -0.76 24.62 -14.75
N PHE A 355 -0.95 25.28 -13.60
CA PHE A 355 -2.09 26.14 -13.41
C PHE A 355 -1.78 27.61 -13.71
N GLY A 356 -0.57 27.86 -14.20
CA GLY A 356 -0.17 29.21 -14.57
C GLY A 356 -0.25 30.20 -13.43
N VAL A 357 0.37 29.85 -12.30
CA VAL A 357 0.45 30.75 -11.15
C VAL A 357 1.85 30.67 -10.58
N PRO A 358 2.23 31.64 -9.74
CA PRO A 358 3.55 31.53 -9.10
C PRO A 358 3.56 30.46 -8.01
N ARG A 359 4.73 30.11 -7.51
CA ARG A 359 4.85 29.01 -6.57
C ARG A 359 4.01 29.21 -5.31
N GLU A 360 3.97 30.44 -4.80
CA GLU A 360 3.26 30.73 -3.55
C GLU A 360 1.75 30.63 -3.72
N ALA A 361 1.30 30.46 -4.96
CA ALA A 361 -0.12 30.38 -5.29
C ALA A 361 -0.62 28.94 -5.40
N VAL A 362 0.31 28.00 -5.52
CA VAL A 362 -0.03 26.59 -5.60
C VAL A 362 -0.66 26.12 -4.29
N ASP A 363 -1.94 25.78 -4.33
CA ASP A 363 -2.63 25.25 -3.15
C ASP A 363 -2.45 23.73 -3.08
N PRO A 364 -2.77 23.14 -1.92
CA PRO A 364 -2.60 21.69 -1.74
C PRO A 364 -3.12 20.84 -2.91
N LEU A 365 -4.34 21.11 -3.39
CA LEU A 365 -4.94 20.27 -4.42
C LEU A 365 -4.26 20.41 -5.78
N MET A 366 -3.66 21.58 -6.04
CA MET A 366 -2.93 21.81 -7.28
C MET A 366 -1.63 21.03 -7.26
N ARG A 367 -0.96 21.07 -6.12
CA ARG A 367 0.30 20.36 -5.95
C ARG A 367 0.07 18.87 -6.15
N ARG A 368 -1.03 18.37 -5.58
CA ARG A 368 -1.43 16.97 -5.75
C ARG A 368 -1.49 16.58 -7.22
N ALA A 369 -2.21 17.38 -8.00
CA ALA A 369 -2.35 17.14 -9.42
C ALA A 369 -0.98 17.08 -10.09
N ALA A 370 -0.07 17.92 -9.59
CA ALA A 370 1.26 18.02 -10.16
C ALA A 370 2.12 16.78 -9.91
N LYS A 371 1.87 16.04 -8.83
CA LYS A 371 2.63 14.82 -8.52
CA LYS A 371 2.71 14.86 -8.59
C LYS A 371 2.27 13.72 -9.50
N THR A 372 0.99 13.65 -9.83
CA THR A 372 0.54 12.65 -10.77
C THR A 372 1.31 12.85 -12.06
N ILE A 373 1.60 14.11 -12.39
CA ILE A 373 2.28 14.43 -13.64
C ILE A 373 3.76 14.12 -13.55
N ASN A 374 4.40 14.52 -12.46
CA ASN A 374 5.81 14.23 -12.26
C ASN A 374 6.13 12.73 -12.29
N PHE A 375 5.39 11.93 -11.53
CA PHE A 375 5.65 10.49 -11.54
C PHE A 375 5.11 9.88 -12.83
N GLY A 376 4.00 10.41 -13.32
CA GLY A 376 3.44 9.94 -14.57
C GLY A 376 4.53 9.96 -15.63
N VAL A 377 5.20 11.10 -15.76
CA VAL A 377 6.21 11.28 -16.79
C VAL A 377 7.45 10.46 -16.48
N LEU A 378 7.89 10.49 -15.24
CA LEU A 378 9.10 9.80 -14.85
C LEU A 378 8.99 8.33 -15.24
N TYR A 379 7.83 7.74 -15.00
CA TYR A 379 7.65 6.29 -15.19
C TYR A 379 7.09 5.91 -16.57
N GLY A 380 7.13 6.84 -17.51
CA GLY A 380 6.89 6.50 -18.92
C GLY A 380 5.60 6.96 -19.57
N MET A 381 4.96 7.98 -19.01
CA MET A 381 3.71 8.47 -19.56
C MET A 381 3.94 8.94 -21.00
N SER A 382 2.95 8.77 -21.86
CA SER A 382 3.09 9.12 -23.27
C SER A 382 2.72 10.58 -23.50
N ALA A 383 3.31 11.18 -24.53
CA ALA A 383 3.00 12.56 -24.85
C ALA A 383 1.49 12.71 -25.02
N HIS A 384 0.90 11.75 -25.73
CA HIS A 384 -0.52 11.81 -26.05
C HIS A 384 -1.39 11.91 -24.79
N ARG A 385 -1.12 11.06 -23.81
CA ARG A 385 -1.93 11.03 -22.60
C ARG A 385 -1.80 12.35 -21.83
N LEU A 386 -0.58 12.84 -21.69
CA LEU A 386 -0.34 14.06 -20.92
C LEU A 386 -1.07 15.26 -21.52
N SER A 387 -1.09 15.35 -22.83
CA SER A 387 -1.76 16.47 -23.47
C SER A 387 -3.23 16.39 -23.10
N GLN A 388 -3.79 15.19 -23.07
CA GLN A 388 -5.20 14.98 -22.81
C GLN A 388 -5.58 15.38 -21.39
N GLU A 389 -4.72 15.06 -20.43
CA GLU A 389 -5.02 15.34 -19.03
C GLU A 389 -4.92 16.83 -18.74
N LEU A 390 -3.79 17.43 -19.14
CA LEU A 390 -3.59 18.87 -18.93
C LEU A 390 -4.46 19.69 -19.87
N ALA A 391 -5.16 19.01 -20.77
CA ALA A 391 -6.04 19.68 -21.71
C ALA A 391 -5.29 20.75 -22.49
N ILE A 392 -4.09 20.41 -22.94
CA ILE A 392 -3.28 21.31 -23.75
C ILE A 392 -2.86 20.62 -25.04
N PRO A 393 -2.40 21.41 -26.03
CA PRO A 393 -1.95 20.87 -27.32
C PRO A 393 -0.93 19.74 -27.15
N TYR A 394 -0.97 18.77 -28.06
CA TYR A 394 -0.05 17.63 -28.05
C TYR A 394 1.40 18.11 -28.03
N GLU A 395 1.65 19.21 -28.73
CA GLU A 395 3.00 19.73 -28.87
C GLU A 395 3.50 20.31 -27.54
N GLU A 396 2.57 20.81 -26.73
CA GLU A 396 2.90 21.32 -25.41
C GLU A 396 3.25 20.18 -24.46
N ALA A 397 2.52 19.07 -24.59
CA ALA A 397 2.74 17.90 -23.76
C ALA A 397 4.10 17.27 -24.06
N GLN A 398 4.38 17.09 -25.35
CA GLN A 398 5.63 16.49 -25.79
C GLN A 398 6.80 17.34 -25.33
N ALA A 399 6.63 18.66 -25.42
CA ALA A 399 7.66 19.60 -24.98
C ALA A 399 7.99 19.41 -23.50
N PHE A 400 6.96 19.34 -22.67
CA PHE A 400 7.16 19.21 -21.23
C PHE A 400 8.03 18.01 -20.88
N ILE A 401 7.90 16.94 -21.66
CA ILE A 401 8.61 15.70 -21.38
C ILE A 401 10.08 15.78 -21.81
N GLU A 402 10.35 16.54 -22.87
CA GLU A 402 11.72 16.79 -23.28
C GLU A 402 12.44 17.53 -22.16
N ARG A 403 11.87 18.67 -21.75
CA ARG A 403 12.46 19.51 -20.71
C ARG A 403 12.65 18.74 -19.41
N TYR A 404 11.72 17.84 -19.10
CA TYR A 404 11.76 17.08 -17.86
C TYR A 404 13.04 16.25 -17.74
N PHE A 405 13.27 15.38 -18.72
CA PHE A 405 14.40 14.47 -18.68
C PHE A 405 15.73 15.12 -19.03
N GLN A 406 15.68 16.30 -19.65
CA GLN A 406 16.90 16.99 -20.04
C GLN A 406 17.50 17.69 -18.82
N SER A 407 16.63 18.23 -17.96
CA SER A 407 17.05 18.87 -16.73
C SER A 407 17.82 17.89 -15.85
N PHE A 408 17.51 16.61 -15.98
CA PHE A 408 18.08 15.58 -15.11
C PHE A 408 18.73 14.47 -15.92
N PRO A 409 19.81 14.80 -16.63
CA PRO A 409 20.49 14.03 -17.68
C PRO A 409 20.86 12.58 -17.36
N LYS A 410 21.27 12.29 -16.12
CA LYS A 410 21.78 10.95 -15.81
C LYS A 410 20.68 9.97 -15.40
N VAL A 411 19.42 10.39 -15.51
CA VAL A 411 18.34 9.49 -15.16
C VAL A 411 18.17 8.43 -16.25
N ARG A 412 18.13 8.85 -17.50
CA ARG A 412 17.93 7.91 -18.60
C ARG A 412 19.09 6.92 -18.65
N ALA A 413 20.29 7.39 -18.37
CA ALA A 413 21.44 6.51 -18.25
C ALA A 413 21.16 5.44 -17.19
N TRP A 414 20.61 5.84 -16.06
CA TRP A 414 20.33 4.87 -15.01
C TRP A 414 19.23 3.90 -15.46
N ILE A 415 18.23 4.43 -16.16
CA ILE A 415 17.15 3.59 -16.65
C ILE A 415 17.67 2.57 -17.66
N GLU A 416 18.49 3.02 -18.59
CA GLU A 416 19.07 2.13 -19.60
C GLU A 416 19.99 1.10 -18.96
N LYS A 417 20.75 1.54 -17.96
CA LYS A 417 21.64 0.64 -17.25
C LYS A 417 20.78 -0.42 -16.56
N THR A 418 19.68 0.03 -15.96
CA THR A 418 18.85 -0.85 -15.17
C THR A 418 18.18 -1.88 -16.07
N LEU A 419 17.72 -1.45 -17.24
CA LEU A 419 17.01 -2.34 -18.15
C LEU A 419 17.96 -3.35 -18.78
N GLU A 420 19.16 -2.91 -19.14
CA GLU A 420 20.14 -3.84 -19.71
C GLU A 420 20.50 -4.88 -18.66
N GLU A 421 20.69 -4.43 -17.42
CA GLU A 421 21.05 -5.31 -16.34
C GLU A 421 19.94 -6.32 -16.08
N GLY A 422 18.70 -5.85 -16.14
CA GLY A 422 17.54 -6.70 -15.93
C GLY A 422 17.41 -7.75 -17.04
N ARG A 423 17.82 -7.40 -18.24
CA ARG A 423 17.72 -8.33 -19.35
C ARG A 423 18.69 -9.49 -19.17
N ARG A 424 19.86 -9.19 -18.61
CA ARG A 424 20.90 -10.20 -18.46
C ARG A 424 20.62 -11.14 -17.28
N ARG A 425 20.39 -10.56 -16.11
CA ARG A 425 20.17 -11.33 -14.88
C ARG A 425 18.77 -11.92 -14.82
N GLY A 426 17.83 -11.25 -15.45
CA GLY A 426 16.44 -11.65 -15.37
C GLY A 426 15.72 -10.96 -14.21
N TYR A 427 16.42 -10.08 -13.50
CA TYR A 427 15.82 -9.34 -12.39
C TYR A 427 16.47 -7.98 -12.16
N VAL A 428 15.72 -7.09 -11.51
CA VAL A 428 16.21 -5.77 -11.11
C VAL A 428 16.26 -5.72 -9.58
N GLU A 429 16.90 -4.71 -9.01
CA GLU A 429 17.19 -4.68 -7.57
C GLU A 429 16.98 -3.29 -6.98
N THR A 430 16.55 -3.23 -5.73
CA THR A 430 16.52 -1.98 -4.97
C THR A 430 17.93 -1.71 -4.45
N LEU A 431 18.11 -0.56 -3.82
CA LEU A 431 19.37 -0.18 -3.18
C LEU A 431 19.88 -1.26 -2.23
N PHE A 432 18.96 -1.93 -1.55
CA PHE A 432 19.32 -2.92 -0.55
C PHE A 432 19.41 -4.34 -1.08
N GLY A 433 19.18 -4.50 -2.38
CA GLY A 433 19.29 -5.79 -3.01
C GLY A 433 17.99 -6.60 -3.03
N ARG A 434 16.87 -5.97 -2.71
CA ARG A 434 15.59 -6.65 -2.89
C ARG A 434 15.36 -6.86 -4.38
N ARG A 435 14.94 -8.05 -4.77
CA ARG A 435 14.86 -8.41 -6.19
C ARG A 435 13.43 -8.51 -6.72
N ARG A 436 13.27 -8.17 -8.01
CA ARG A 436 12.06 -8.49 -8.74
C ARG A 436 12.44 -9.09 -10.09
N TYR A 437 11.90 -10.26 -10.39
CA TYR A 437 12.17 -10.88 -11.69
C TYR A 437 11.21 -10.33 -12.75
N VAL A 438 11.76 -9.83 -13.85
CA VAL A 438 10.97 -9.33 -14.97
C VAL A 438 11.41 -9.97 -16.29
N PRO A 439 10.96 -11.21 -16.53
CA PRO A 439 11.37 -11.96 -17.73
C PRO A 439 10.89 -11.34 -19.04
N ASP A 440 9.79 -10.59 -19.02
CA ASP A 440 9.23 -10.06 -20.26
C ASP A 440 10.04 -8.92 -20.88
N LEU A 441 11.20 -8.62 -20.29
CA LEU A 441 12.13 -7.65 -20.87
C LEU A 441 12.69 -8.12 -22.21
N GLU A 442 12.55 -9.41 -22.47
CA GLU A 442 13.02 -10.01 -23.71
C GLU A 442 11.85 -10.40 -24.61
N ALA A 443 10.64 -9.98 -24.24
CA ALA A 443 9.46 -10.27 -25.05
C ALA A 443 9.65 -9.73 -26.46
N ARG A 444 9.08 -10.42 -27.44
CA ARG A 444 9.21 -10.03 -28.84
C ARG A 444 8.04 -9.16 -29.27
N VAL A 445 7.00 -9.09 -28.44
CA VAL A 445 5.90 -8.18 -28.69
C VAL A 445 6.23 -6.84 -28.03
N LYS A 446 6.17 -5.76 -28.80
CA LYS A 446 6.65 -4.47 -28.33
C LYS A 446 5.84 -3.93 -27.15
N SER A 447 4.52 -4.01 -27.21
CA SER A 447 3.71 -3.42 -26.14
C SER A 447 3.92 -4.20 -24.84
N VAL A 448 4.04 -5.52 -24.94
CA VAL A 448 4.32 -6.37 -23.78
C VAL A 448 5.71 -6.10 -23.21
N ARG A 449 6.69 -5.96 -24.10
CA ARG A 449 8.07 -5.75 -23.68
C ARG A 449 8.22 -4.40 -22.98
N GLU A 450 7.62 -3.35 -23.54
CA GLU A 450 7.82 -2.00 -23.02
C GLU A 450 7.03 -1.77 -21.72
N ALA A 451 5.90 -2.44 -21.60
CA ALA A 451 5.19 -2.47 -20.31
C ALA A 451 6.09 -3.12 -19.28
N ALA A 452 6.73 -4.23 -19.65
CA ALA A 452 7.67 -4.89 -18.74
C ALA A 452 8.78 -3.93 -18.33
N GLU A 453 9.29 -3.17 -19.29
CA GLU A 453 10.36 -2.23 -19.02
C GLU A 453 9.96 -1.17 -18.00
N ARG A 454 8.72 -0.71 -18.10
CA ARG A 454 8.23 0.30 -17.17
C ARG A 454 8.09 -0.29 -15.75
N MET A 455 7.68 -1.54 -15.65
CA MET A 455 7.62 -2.19 -14.34
C MET A 455 9.02 -2.34 -13.78
N ALA A 456 9.95 -2.74 -14.65
CA ALA A 456 11.29 -3.11 -14.22
C ALA A 456 12.06 -1.92 -13.67
N PHE A 457 11.99 -0.78 -14.35
CA PHE A 457 12.78 0.34 -13.88
C PHE A 457 12.04 1.14 -12.82
N ASN A 458 10.72 0.98 -12.71
CA ASN A 458 10.01 1.59 -11.57
C ASN A 458 10.42 0.89 -10.27
N MET A 459 10.67 -0.41 -10.35
CA MET A 459 10.81 -1.23 -9.14
C MET A 459 11.97 -0.81 -8.23
N PRO A 460 13.16 -0.57 -8.79
CA PRO A 460 14.20 -0.14 -7.84
C PRO A 460 13.85 1.15 -7.11
N VAL A 461 13.10 2.05 -7.75
CA VAL A 461 12.77 3.32 -7.11
C VAL A 461 11.69 3.12 -6.05
N GLN A 462 10.53 2.61 -6.44
CA GLN A 462 9.45 2.35 -5.49
C GLN A 462 9.92 1.40 -4.39
N GLY A 463 10.66 0.38 -4.76
CA GLY A 463 11.13 -0.61 -3.80
C GLY A 463 12.14 -0.06 -2.80
N THR A 464 13.05 0.81 -3.23
CA THR A 464 14.01 1.42 -2.30
C THR A 464 13.26 2.30 -1.29
N ALA A 465 12.36 3.13 -1.79
CA ALA A 465 11.46 3.89 -0.94
C ALA A 465 10.78 2.96 0.07
N ALA A 466 10.35 1.77 -0.36
CA ALA A 466 9.68 0.84 0.55
C ALA A 466 10.65 0.28 1.58
N ASP A 467 11.87 -0.06 1.14
CA ASP A 467 12.88 -0.56 2.07
C ASP A 467 13.17 0.48 3.15
N LEU A 468 13.30 1.74 2.73
CA LEU A 468 13.61 2.82 3.67
C LEU A 468 12.51 2.94 4.73
N MET A 469 11.26 2.93 4.29
CA MET A 469 10.15 3.11 5.22
C MET A 469 10.07 1.95 6.19
N LYS A 470 10.25 0.72 5.71
CA LYS A 470 10.23 -0.46 6.58
C LYS A 470 11.33 -0.40 7.63
N LEU A 471 12.53 -0.04 7.20
CA LEU A 471 13.65 0.08 8.11
C LEU A 471 13.31 1.13 9.18
N ALA A 472 12.69 2.23 8.75
CA ALA A 472 12.33 3.32 9.66
C ALA A 472 11.36 2.83 10.73
N MET A 473 10.41 2.01 10.30
CA MET A 473 9.38 1.47 11.19
C MET A 473 10.02 0.58 12.24
N VAL A 474 11.01 -0.20 11.82
CA VAL A 474 11.71 -1.12 12.70
C VAL A 474 12.51 -0.39 13.77
N LYS A 475 13.20 0.68 13.36
CA LYS A 475 13.95 1.53 14.28
C LYS A 475 13.02 2.30 15.20
N LEU A 476 11.89 2.78 14.65
CA LEU A 476 11.01 3.68 15.39
C LEU A 476 10.18 2.94 16.43
N PHE A 477 9.67 1.76 16.12
CA PHE A 477 8.71 1.08 17.01
C PHE A 477 9.13 1.02 18.48
N PRO A 478 10.32 0.49 18.78
CA PRO A 478 10.68 0.40 20.20
C PRO A 478 10.78 1.76 20.90
N ARG A 479 11.09 2.81 20.16
CA ARG A 479 11.15 4.15 20.76
C ARG A 479 9.75 4.62 21.19
N LEU A 480 8.72 4.26 20.40
CA LEU A 480 7.35 4.65 20.72
C LEU A 480 6.87 3.90 21.94
N GLU A 481 7.15 2.60 21.99
CA GLU A 481 6.77 1.78 23.13
C GLU A 481 7.25 2.40 24.43
N GLU A 482 8.49 2.86 24.47
CA GLU A 482 9.04 3.40 25.71
C GLU A 482 8.47 4.79 26.02
N MET A 483 7.90 5.46 25.02
CA MET A 483 7.25 6.73 25.27
C MET A 483 5.74 6.57 25.48
N GLY A 484 5.26 5.32 25.45
CA GLY A 484 3.84 5.06 25.59
C GLY A 484 2.99 5.54 24.43
N ALA A 485 3.59 5.65 23.24
CA ALA A 485 2.82 5.96 22.04
C ALA A 485 2.66 4.70 21.20
N ARG A 486 1.85 4.80 20.14
CA ARG A 486 1.46 3.65 19.34
C ARG A 486 1.69 3.95 17.87
N MET A 487 2.10 2.94 17.12
CA MET A 487 2.13 3.04 15.67
C MET A 487 0.84 2.41 15.15
N LEU A 488 0.11 3.13 14.31
CA LEU A 488 -1.22 2.69 13.92
C LEU A 488 -1.29 2.22 12.47
N LEU A 489 -0.78 3.03 11.56
CA LEU A 489 -0.90 2.73 10.12
C LEU A 489 0.36 3.09 9.38
N GLN A 490 0.58 2.40 8.26
CA GLN A 490 1.56 2.82 7.29
C GLN A 490 0.86 3.00 5.96
N VAL A 491 1.15 4.10 5.27
CA VAL A 491 0.58 4.30 3.94
C VAL A 491 1.71 4.59 2.96
N HIS A 492 2.60 3.61 2.82
CA HIS A 492 3.66 3.58 1.81
C HIS A 492 4.85 4.47 2.13
N ASP A 493 4.61 5.76 2.29
CA ASP A 493 5.71 6.62 2.71
C ASP A 493 5.23 7.52 3.82
N GLU A 494 4.22 7.06 4.53
CA GLU A 494 3.61 7.84 5.60
C GLU A 494 3.37 6.91 6.79
N LEU A 495 3.48 7.45 7.99
CA LEU A 495 3.10 6.70 9.19
C LEU A 495 2.09 7.53 9.98
N VAL A 496 1.14 6.85 10.60
CA VAL A 496 0.20 7.52 11.48
C VAL A 496 0.41 6.88 12.85
N LEU A 497 0.76 7.70 13.83
CA LEU A 497 1.00 7.23 15.18
C LEU A 497 -0.09 7.84 16.07
N GLU A 498 -0.23 7.29 17.27
CA GLU A 498 -1.16 7.83 18.25
C GLU A 498 -0.35 8.06 19.52
N ALA A 499 -0.41 9.26 20.08
CA ALA A 499 0.39 9.58 21.26
C ALA A 499 -0.46 10.26 22.34
N PRO A 500 -0.13 10.03 23.63
CA PRO A 500 -0.81 10.80 24.67
C PRO A 500 -0.61 12.30 24.42
N LYS A 501 -1.60 13.11 24.75
CA LYS A 501 -1.55 14.53 24.41
C LYS A 501 -0.28 15.20 24.94
N GLU A 502 0.06 14.88 26.18
CA GLU A 502 1.24 15.44 26.83
C GLU A 502 2.53 15.15 26.08
N ARG A 503 2.60 14.01 25.41
CA ARG A 503 3.85 13.60 24.77
C ARG A 503 3.84 13.71 23.25
N ALA A 504 2.73 14.18 22.69
CA ALA A 504 2.56 14.18 21.25
C ALA A 504 3.63 15.00 20.55
N GLU A 505 3.95 16.17 21.10
CA GLU A 505 4.93 17.04 20.46
C GLU A 505 6.29 16.34 20.42
N ALA A 506 6.64 15.70 21.53
CA ALA A 506 7.93 15.03 21.64
C ALA A 506 7.97 13.80 20.75
N VAL A 507 6.84 13.12 20.62
CA VAL A 507 6.76 11.96 19.73
C VAL A 507 6.92 12.41 18.27
N ALA A 508 6.30 13.53 17.91
CA ALA A 508 6.37 14.00 16.54
C ALA A 508 7.83 14.30 16.19
N ARG A 509 8.52 15.01 17.06
CA ARG A 509 9.90 15.36 16.82
C ARG A 509 10.75 14.12 16.71
N LEU A 510 10.55 13.19 17.64
CA LEU A 510 11.37 11.98 17.67
C LEU A 510 11.15 11.15 16.40
N ALA A 511 9.90 10.93 16.03
CA ALA A 511 9.58 10.15 14.85
C ALA A 511 10.15 10.80 13.59
N LYS A 512 10.07 12.12 13.51
CA LYS A 512 10.56 12.84 12.36
C LYS A 512 12.06 12.57 12.17
N GLU A 513 12.82 12.63 13.27
CA GLU A 513 14.26 12.43 13.21
C GLU A 513 14.62 10.99 12.87
N VAL A 514 13.88 10.05 13.43
CA VAL A 514 14.14 8.64 13.13
C VAL A 514 13.93 8.40 11.64
N MET A 515 12.84 8.93 11.09
CA MET A 515 12.52 8.74 9.68
C MET A 515 13.53 9.42 8.75
N GLU A 516 13.98 10.62 9.11
CA GLU A 516 14.91 11.37 8.27
C GLU A 516 16.29 10.74 8.29
N GLY A 517 16.69 10.18 9.44
CA GLY A 517 18.02 9.61 9.59
C GLY A 517 18.06 8.10 9.40
N VAL A 518 17.00 7.53 8.85
CA VAL A 518 16.91 6.07 8.75
C VAL A 518 18.14 5.46 8.05
N TYR A 519 18.49 6.01 6.89
CA TYR A 519 19.58 5.47 6.08
C TYR A 519 19.95 6.62 5.16
N PRO A 520 20.98 7.39 5.54
CA PRO A 520 21.36 8.59 4.81
C PRO A 520 21.65 8.31 3.34
N LEU A 521 21.19 9.22 2.47
CA LEU A 521 21.41 9.11 1.05
C LEU A 521 22.24 10.28 0.56
N ALA A 522 22.38 10.39 -0.75
CA ALA A 522 23.21 11.42 -1.36
C ALA A 522 22.47 12.75 -1.30
N VAL A 523 21.20 12.70 -0.92
CA VAL A 523 20.41 13.90 -0.67
C VAL A 523 19.74 13.76 0.69
N PRO A 524 19.40 14.87 1.33
CA PRO A 524 18.68 14.72 2.60
C PRO A 524 17.32 14.06 2.38
N LEU A 525 16.79 13.44 3.43
CA LEU A 525 15.40 13.01 3.45
C LEU A 525 14.67 13.97 4.37
N GLU A 526 13.59 14.55 3.87
CA GLU A 526 12.80 15.44 4.68
C GLU A 526 11.47 14.76 4.93
N VAL A 527 10.94 15.00 6.12
CA VAL A 527 9.68 14.43 6.55
C VAL A 527 8.78 15.59 7.00
N GLU A 528 7.57 15.63 6.46
CA GLU A 528 6.55 16.57 6.91
C GLU A 528 5.76 15.93 8.04
N VAL A 529 5.56 16.64 9.15
CA VAL A 529 4.83 16.06 10.26
C VAL A 529 3.72 16.98 10.74
N GLY A 530 2.58 16.40 11.04
CA GLY A 530 1.49 17.16 11.63
C GLY A 530 0.87 16.41 12.80
N ILE A 531 0.17 17.17 13.64
CA ILE A 531 -0.50 16.63 14.82
C ILE A 531 -1.94 17.09 14.83
N GLY A 532 -2.86 16.18 15.13
CA GLY A 532 -4.27 16.53 15.15
C GLY A 532 -5.16 15.46 15.75
N GLU A 533 -6.41 15.84 16.05
CA GLU A 533 -7.42 14.92 16.58
C GLU A 533 -7.99 13.97 15.52
N ASP A 534 -7.81 14.30 14.25
CA ASP A 534 -8.20 13.39 13.17
C ASP A 534 -7.15 13.39 12.06
N TRP A 535 -7.23 12.38 11.19
CA TRP A 535 -6.18 12.12 10.21
C TRP A 535 -6.02 13.30 9.23
N LEU A 536 -7.13 13.91 8.86
CA LEU A 536 -7.10 15.05 7.96
C LEU A 536 -6.38 16.23 8.61
N SER A 537 -6.78 16.56 9.83
CA SER A 537 -6.14 17.64 10.59
C SER A 537 -4.66 17.36 10.82
N ALA A 538 -4.32 16.09 11.02
CA ALA A 538 -2.95 15.72 11.37
C ALA A 538 -2.02 15.85 10.16
N LYS A 539 -2.60 15.89 8.96
CA LYS A 539 -1.80 16.11 7.76
C LYS A 539 -1.85 17.59 7.42
N GLU A 540 -2.60 18.33 8.23
CA GLU A 540 -2.65 19.79 8.16
C GLU A 540 -3.38 20.27 6.92
N1 DOC B 12 -0.05 6.30 -3.83
C2 DOC B 12 0.48 5.68 -4.96
N3 DOC B 12 -0.08 5.91 -6.23
C4 DOC B 12 -1.16 6.75 -6.36
C5 DOC B 12 -1.74 7.42 -5.22
C6 DOC B 12 -1.15 7.17 -3.96
O2 DOC B 12 1.53 4.82 -4.84
N4 DOC B 12 -1.71 6.93 -7.67
C1' DOC B 12 0.51 5.97 -2.51
C2' DOC B 12 1.76 6.75 -2.17
C3' DOC B 12 1.11 7.95 -1.44
C4' DOC B 12 0.07 7.16 -0.67
O4' DOC B 12 -0.40 6.19 -1.52
C5' DOC B 12 -1.08 7.98 -0.13
O5' DOC B 12 -1.63 8.74 -1.16
P DOC B 12 -2.86 9.69 -0.86
OP1 DOC B 12 -3.12 10.52 -2.06
OP2 DOC B 12 -2.62 10.45 0.41
H5 DOC B 12 -2.50 8.02 -5.33
H6 DOC B 12 -1.53 7.60 -3.18
HN41 DOC B 12 -1.34 6.50 -8.38
HN42 DOC B 12 -2.41 7.49 -7.79
H1' DOC B 12 0.74 5.02 -2.51
H2' DOC B 12 2.26 7.02 -2.96
H2'' DOC B 12 2.33 6.25 -1.55
H3'1 DOC B 12 0.69 8.56 -2.07
H3'2 DOC B 12 1.71 8.42 -0.84
H4' DOC B 12 0.51 6.72 0.08
H5' DOC B 12 -0.74 8.57 0.56
H5'' DOC B 12 -1.76 7.39 0.23
C1 XJS D . 0.58 10.06 -5.91
N1 XJS D . 3.64 7.71 -6.33
O1 XJS D . 4.17 11.88 -2.98
P1 XJS D . 3.26 10.93 -2.00
C2 XJS D . 3.51 7.33 -7.72
N2 XJS D . -2.40 11.25 -4.32
O2 XJS D . 4.30 6.58 -8.18
P2 XJS D . 5.64 12.50 -2.61
C3 XJS D . -0.16 10.81 -5.38
N3 XJS D . 2.42 7.83 -8.50
O3 XJS D . 5.36 14.11 -2.35
P3 XJS D . 4.96 14.78 -0.91
C4 XJS D . 1.47 8.71 -7.92
N4 XJS D . -5.31 9.69 -8.99
O4 XJS D . 0.55 9.12 -8.57
C5 XJS D . 1.61 9.10 -6.52
N5 XJS D . -3.80 5.96 -11.18
O5 XJS D . 6.07 15.66 -0.60
C6 XJS D . 2.69 8.61 -5.72
N6 XJS D . -9.03 12.37 -11.00
O6 XJS D . 4.79 13.66 0.27
C7 XJS D . -1.07 11.79 -4.63
N7 XJS D . -1.96 3.96 -16.23
O7 XJS D . 3.55 15.63 -1.02
C8 XJS D . -3.42 11.36 -5.36
N8 XJS D . -10.26 17.30 -7.62
O8 XJS D . 6.46 12.37 -3.81
C9 XJS D . -4.74 10.57 -5.19
O9 XJS D . 6.42 11.70 -1.42
C1' XJS D . 4.79 7.20 -5.54
C10 XJS D . -5.55 10.35 -6.50
O10 XJS D . 1.85 11.29 -2.20
C11 XJS D . -4.80 9.57 -7.62
O11 XJS D . 3.59 11.11 -0.41
C12 XJS D . -5.05 8.58 -9.96
O12 XJS D . 7.04 9.81 -4.13
C13 XJS D . -6.47 10.63 -9.21
O13 XJS D . -3.17 11.93 -6.37
C14 XJS D . -3.65 8.49 -10.64
O14 XJS D . -3.94 8.80 -7.36
C15 XJS D . -3.46 7.32 -11.65
O15 XJS D . -3.19 3.73 -11.17
C16 XJS D . -7.46 10.37 -10.39
O16 XJS D . -7.85 14.34 -10.80
C17 XJS D . -7.81 11.60 -11.29
O17 XJS D . -11.71 15.64 -8.35
C18 XJS D . -2.86 4.83 -11.43
O18 XJS D . -0.10 4.82 -15.18
C19 XJS D . -8.93 13.85 -10.88
C2' XJS D . 5.97 8.13 -5.70
C20 XJS D . -1.70 5.04 -12.46
C21 XJS D . -10.18 14.73 -10.63
C22 XJS D . -1.76 4.08 -13.67
C23 XJS D . -9.91 16.04 -9.86
C24 XJS D . -10.70 16.24 -8.54
C25 XJS D . -1.24 4.52 -15.07
C26 XJS D . -9.01 18.03 -7.89
C27 XJS D . -7.77 17.21 -8.29
C28 XJS D . -11.05 17.64 -6.44
C29 XJS D . -12.59 17.67 -6.58
C3' XJS D . 5.90 9.04 -4.47
C30 XJS D . -1.24 3.75 -17.51
C31 XJS D . -3.25 3.36 -16.05
C32 XJS D . -1.59 2.47 -18.28
C33 XJS D . -4.23 4.04 -15.10
C4' XJS D . 5.40 8.01 -3.38
O4' XJS D . 4.45 7.17 -4.15
C5' XJS D . 4.74 8.68 -2.16
O5' XJS D . 3.59 9.39 -2.55
C1 GOL E . -20.42 -4.61 -16.06
O1 GOL E . -21.53 -3.79 -16.38
C2 GOL E . -20.03 -4.39 -14.60
O2 GOL E . -18.80 -3.71 -14.49
C3 GOL E . -21.07 -3.52 -13.90
O3 GOL E . -20.74 -2.19 -14.11
H11 GOL E . -19.59 -4.36 -16.71
H12 GOL E . -20.68 -5.65 -16.21
HO1 GOL E . -21.74 -3.88 -17.33
H2 GOL E . -19.98 -5.34 -14.11
HO2 GOL E . -18.86 -2.83 -14.91
H31 GOL E . -21.07 -3.74 -12.84
H32 GOL E . -22.05 -3.73 -14.30
HO3 GOL E . -21.44 -1.61 -13.73
C1 GOL F . -13.44 14.57 13.44
O1 GOL F . -13.32 15.81 12.78
C2 GOL F . -14.68 13.87 12.92
O2 GOL F . -15.76 14.77 12.78
C3 GOL F . -15.06 12.76 13.88
O3 GOL F . -15.25 13.32 15.16
H11 GOL F . -13.53 14.73 14.51
H12 GOL F . -12.56 13.96 13.25
HO1 GOL F . -12.56 16.31 13.16
H2 GOL F . -14.46 13.41 11.94
HO2 GOL F . -16.55 14.29 12.46
H31 GOL F . -14.28 12.01 13.91
H32 GOL F . -15.99 12.28 13.55
HO3 GOL F . -15.58 12.62 15.77
C1 GOL G . -18.07 -9.08 11.64
O1 GOL G . -18.53 -7.77 11.40
C2 GOL G . -17.08 -9.47 10.56
O2 GOL G . -17.75 -9.91 9.40
C3 GOL G . -16.19 -8.29 10.20
O3 GOL G . -15.55 -8.56 8.98
H11 GOL G . -18.92 -9.77 11.62
H12 GOL G . -17.61 -9.13 12.61
HO1 GOL G . -19.23 -7.54 12.05
H2 GOL G . -16.45 -10.27 10.95
HO2 GOL G . -18.29 -9.19 9.05
H31 GOL G . -15.46 -8.12 10.98
H32 GOL G . -16.80 -7.39 10.10
HO3 GOL G . -15.04 -7.77 8.70
C1 GOL H . -12.30 0.32 2.87
O1 GOL H . -11.15 0.53 2.08
C2 GOL H . -12.91 -1.01 2.46
O2 GOL H . -11.92 -2.01 2.49
C3 GOL H . -14.07 -1.38 3.38
O3 GOL H . -14.65 -2.61 2.97
H11 GOL H . -13.02 1.13 2.71
H12 GOL H . -12.03 0.30 3.93
HO1 GOL H . -10.77 1.42 2.28
H2 GOL H . -13.30 -0.91 1.45
HO2 GOL H . -11.58 -2.11 3.41
H31 GOL H . -14.82 -0.59 3.37
H32 GOL H . -13.70 -1.48 4.41
HO3 GOL H . -15.34 -2.88 3.62
C1 GOL I . -17.50 2.50 -11.34
O1 GOL I . -17.29 2.72 -9.96
C2 GOL I . -18.51 1.38 -11.54
O2 GOL I . -17.90 0.13 -11.36
C3 GOL I . -19.12 1.46 -12.94
O3 GOL I . -20.43 0.97 -12.92
H11 GOL I . -16.56 2.23 -11.81
H12 GOL I . -17.87 3.42 -11.80
HO1 GOL I . -16.58 3.38 -9.84
H2 GOL I . -19.32 1.50 -10.81
HO2 GOL I . -18.56 -0.58 -11.48
H31 GOL I . -18.50 0.87 -13.63
H32 GOL I . -19.11 2.49 -13.29
HO3 GOL I . -20.84 1.09 -13.81
MG MG J . 5.44 11.69 0.50
MG MG K . 2.36 10.00 1.22
O2 PGE L . -23.43 16.04 1.90
C3 PGE L . -23.39 15.81 0.48
C4 PGE L . -22.00 15.39 0.04
O3 PGE L . -21.84 15.72 -1.34
H3 PGE L . -23.68 16.72 -0.04
H32 PGE L . -24.10 15.03 0.22
H4 PGE L . -21.88 14.31 0.17
H42 PGE L . -21.25 15.90 0.64
C ACT M . 22.91 -3.40 2.71
O ACT M . 22.91 -4.64 2.62
OXT ACT M . 22.59 -2.78 1.68
CH3 ACT M . 23.30 -2.69 3.98
H1 ACT M . 23.24 -1.61 3.82
H2 ACT M . 24.31 -2.96 4.25
H3 ACT M . 22.61 -2.98 4.77
O2 PGE N . 7.69 2.63 -22.38
C3 PGE N . 8.95 1.94 -22.36
C4 PGE N . 9.94 2.68 -21.45
O3 PGE N . 11.22 2.05 -21.51
H3 PGE N . 9.35 1.88 -23.37
H32 PGE N . 8.80 0.92 -21.99
H4 PGE N . 9.56 2.67 -20.43
H42 PGE N . 10.02 3.72 -21.78
O2 PGE O . -4.71 -17.98 7.52
C3 PGE O . -5.78 -18.91 7.53
C4 PGE O . -5.40 -20.02 8.49
O3 PGE O . -6.41 -21.01 8.48
H3 PGE O . -5.94 -19.31 6.53
H32 PGE O . -6.70 -18.42 7.87
H4 PGE O . -5.29 -19.61 9.50
H42 PGE O . -4.44 -20.45 8.20
C ACT P . -22.30 13.12 14.43
O ACT P . -23.50 13.03 14.10
OXT ACT P . -21.96 12.54 15.49
CH3 ACT P . -21.31 13.88 13.60
H1 ACT P . -20.33 13.84 14.06
H2 ACT P . -21.64 14.92 13.53
H3 ACT P . -21.26 13.44 12.60
C ACT Q . 18.65 -17.22 12.02
O ACT Q . 18.58 -15.97 11.92
OXT ACT Q . 17.57 -17.84 12.04
CH3 ACT Q . 19.98 -17.92 12.12
H1 ACT Q . 19.82 -19.00 12.20
H2 ACT Q . 20.51 -17.56 13.00
H3 ACT Q . 20.56 -17.71 11.23
C1 GOL R . -7.89 -5.07 -10.96
O1 GOL R . -7.91 -3.76 -11.47
C2 GOL R . -8.92 -5.94 -11.67
O2 GOL R . -9.28 -5.42 -12.95
C3 GOL R . -10.15 -5.98 -10.77
O3 GOL R . -9.94 -6.75 -9.63
H11 GOL R . -8.12 -5.05 -9.89
H12 GOL R . -6.90 -5.50 -11.08
HO1 GOL R . -7.29 -3.20 -10.94
H2 GOL R . -8.53 -6.96 -11.77
HO2 GOL R . -9.97 -5.99 -13.36
H31 GOL R . -11.00 -6.38 -11.33
H32 GOL R . -10.41 -4.96 -10.47
HO3 GOL R . -10.71 -6.69 -9.03
O2 PGE S . -12.34 -5.15 2.66
C3 PGE S . -12.67 -6.55 2.53
C4 PGE S . -13.37 -6.81 1.21
C5 PGE S . -13.61 -8.37 -0.55
O3 PGE S . -13.21 -8.16 0.81
H3 PGE S . -13.32 -6.85 3.36
H32 PGE S . -11.75 -7.14 2.58
H4 PGE S . -12.96 -6.14 0.44
H42 PGE S . -14.44 -6.58 1.31
C1 GOL T . -0.50 -1.34 -12.80
O1 GOL T . 0.13 -1.64 -11.58
C2 GOL T . -0.71 0.17 -12.91
O2 GOL T . -1.56 0.66 -11.88
C3 GOL T . -1.33 0.40 -14.28
O3 GOL T . -0.96 1.69 -14.72
H11 GOL T . -1.46 -1.85 -12.85
H12 GOL T . 0.12 -1.68 -13.63
HO1 GOL T . 0.21 -2.60 -11.48
H2 GOL T . 0.26 0.66 -12.86
HO2 GOL T . -1.70 1.62 -12.02
H31 GOL T . -2.41 0.33 -14.22
H32 GOL T . -0.96 -0.34 -14.99
HO3 GOL T . -1.28 1.82 -15.63
C1 GOL U . 3.14 -7.07 -10.98
O1 GOL U . 2.68 -8.26 -10.40
C2 GOL U . 1.97 -6.11 -11.20
O2 GOL U . 0.77 -6.76 -10.84
C3 GOL U . 1.92 -5.66 -12.65
O3 GOL U . 0.63 -5.17 -12.95
H11 GOL U . 3.61 -7.29 -11.94
H12 GOL U . 3.89 -6.60 -10.35
HO1 GOL U . 3.42 -8.90 -10.32
H2 GOL U . 2.11 -5.24 -10.56
HO2 GOL U . 0.02 -6.15 -10.97
H31 GOL U . 2.16 -6.49 -13.30
H32 GOL U . 2.65 -4.87 -12.82
HO3 GOL U . 0.62 -4.81 -13.86
#